data_5IND
#
_entry.id   5IND
#
_cell.length_a   69.413
_cell.length_b   82.280
_cell.length_c   157.720
_cell.angle_alpha   90.000
_cell.angle_beta   90.000
_cell.angle_gamma   90.000
#
_symmetry.space_group_name_H-M   'P 21 21 21'
#
loop_
_entity.id
_entity.type
_entity.pdbx_description
1 polymer 'HLA class I histocompatibility antigen, B-58 alpha chain'
2 polymer Beta-2-microglobulin
3 polymer GLN-ALA-SER-GLN-ASP-VAL-LYS-ASN-TRP
4 water water
#
loop_
_entity_poly.entity_id
_entity_poly.type
_entity_poly.pdbx_seq_one_letter_code
_entity_poly.pdbx_strand_id
1 'polypeptide(L)'
;GSHSMRYFYTAMSRPGRGEPRFIAVGYVDDTQFVRFDSDAASPRTEPRAPWIEQEGPEYWDGETRNMKASAQTYRENLRI
ALRYYNQSEAGSHIIQRMYGCDLGPDGRLLRGHDQSAYDGKDYIALNEDLSSWTAADTAAQITQRKWEAARVAEQLRAYL
EGLCVEWLRRYLENGKETLQRADPPKTHVTHHPISDHEATLRCWALGFYPAEITLTWQRDGEDQTQDTELVETRPAGDRT
FQKWAAVVVPSGEEQRYTCHVQHEGLPKPLTLRWEPH
;
A,C
2 'polypeptide(L)'
;IQRTPKIQVYSRHPAENGKSNFLNCYVSGFHPSDIEVDLLKNGERIEKVEHSDLSFSKDWSFYLLYYTEFTPTEKDEYAC
RVNHVTLSQPKIVKWDRDM
;
B,D
3 'polypeptide(L)' QASQDVKNW E,F
#
# COMPACT_ATOMS: atom_id res chain seq x y z
N GLY A 1 1.86 35.22 16.87
CA GLY A 1 2.00 36.61 16.46
C GLY A 1 1.74 36.85 14.98
N SER A 2 2.74 36.57 14.16
CA SER A 2 2.59 36.71 12.71
C SER A 2 1.90 35.48 12.13
N HIS A 3 1.03 35.70 11.14
CA HIS A 3 0.28 34.59 10.57
C HIS A 3 0.17 34.73 9.07
N SER A 4 -0.07 33.61 8.40
CA SER A 4 -0.16 33.61 6.95
C SER A 4 -1.11 32.51 6.50
N MET A 5 -1.63 32.69 5.29
CA MET A 5 -2.45 31.69 4.61
C MET A 5 -1.86 31.46 3.22
N ARG A 6 -1.83 30.21 2.80
CA ARG A 6 -1.27 29.85 1.50
C ARG A 6 -2.10 28.74 0.89
N TYR A 7 -2.26 28.81 -0.42
CA TYR A 7 -2.80 27.72 -1.20
C TYR A 7 -1.71 27.23 -2.15
N PHE A 8 -1.61 25.92 -2.30
CA PHE A 8 -0.63 25.29 -3.16
C PHE A 8 -1.36 24.45 -4.18
N TYR A 9 -1.13 24.74 -5.47
CA TYR A 9 -1.68 23.97 -6.58
C TYR A 9 -0.57 23.20 -7.29
N THR A 10 -0.83 21.93 -7.57
CA THR A 10 0.01 21.11 -8.44
C THR A 10 -0.86 20.55 -9.55
N ALA A 11 -0.48 20.80 -10.79
CA ALA A 11 -1.17 20.22 -11.94
C ALA A 11 -0.17 19.46 -12.78
N MET A 12 -0.45 18.18 -13.03
CA MET A 12 0.49 17.33 -13.74
C MET A 12 -0.20 16.59 -14.87
N SER A 13 0.36 16.70 -16.08
CA SER A 13 -0.11 15.92 -17.20
C SER A 13 0.45 14.50 -17.10
N ARG A 14 -0.34 13.53 -17.57
CA ARG A 14 0.04 12.10 -17.48
C ARG A 14 -0.26 11.39 -18.79
N PRO A 15 0.47 11.70 -19.85
CA PRO A 15 0.11 11.17 -21.18
C PRO A 15 0.11 9.65 -21.19
N GLY A 16 -0.97 9.06 -21.71
CA GLY A 16 -1.12 7.63 -21.78
C GLY A 16 -1.50 6.94 -20.49
N ARG A 17 -1.67 7.68 -19.40
CA ARG A 17 -2.10 7.14 -18.11
C ARG A 17 -3.38 7.77 -17.59
N GLY A 18 -3.80 8.90 -18.14
CA GLY A 18 -5.03 9.55 -17.72
C GLY A 18 -4.95 11.00 -18.09
N GLU A 19 -6.01 11.72 -17.73
CA GLU A 19 -6.07 13.15 -17.96
C GLU A 19 -5.21 13.85 -16.91
N PRO A 20 -4.92 15.14 -17.07
CA PRO A 20 -4.03 15.80 -16.11
C PRO A 20 -4.65 15.81 -14.71
N ARG A 21 -3.81 15.58 -13.72
CA ARG A 21 -4.24 15.56 -12.34
C ARG A 21 -3.94 16.90 -11.66
N PHE A 22 -4.91 17.37 -10.88
CA PHE A 22 -4.82 18.65 -10.19
C PHE A 22 -5.05 18.43 -8.70
N ILE A 23 -4.10 18.90 -7.89
CA ILE A 23 -4.19 18.81 -6.44
C ILE A 23 -4.04 20.20 -5.85
N ALA A 24 -4.94 20.56 -4.93
CA ALA A 24 -4.87 21.83 -4.23
C ALA A 24 -4.95 21.60 -2.74
N VAL A 25 -4.08 22.26 -1.98
CA VAL A 25 -4.12 22.22 -0.53
C VAL A 25 -4.01 23.63 -0.01
N GLY A 26 -4.69 23.90 1.10
CA GLY A 26 -4.64 25.22 1.74
C GLY A 26 -4.10 25.09 3.14
N TYR A 27 -3.26 26.05 3.52
CA TYR A 27 -2.62 26.09 4.83
C TYR A 27 -2.89 27.43 5.51
N VAL A 28 -3.08 27.38 6.81
CA VAL A 28 -2.94 28.54 7.69
C VAL A 28 -1.70 28.27 8.53
N ASP A 29 -0.68 29.11 8.40
CA ASP A 29 0.63 28.87 9.04
C ASP A 29 1.07 27.48 8.60
N ASP A 30 1.37 26.56 9.52
CA ASP A 30 1.82 25.22 9.19
C ASP A 30 0.72 24.17 9.28
N THR A 31 -0.55 24.59 9.33
CA THR A 31 -1.67 23.69 9.53
C THR A 31 -2.47 23.61 8.24
N GLN A 32 -2.54 22.42 7.65
CA GLN A 32 -3.37 22.25 6.46
C GLN A 32 -4.84 22.23 6.86
N PHE A 33 -5.69 22.90 6.08
CA PHE A 33 -7.11 22.86 6.43
C PHE A 33 -8.06 22.44 5.32
N VAL A 34 -7.62 22.41 4.05
CA VAL A 34 -8.45 21.93 2.96
C VAL A 34 -7.57 21.21 1.94
N ARG A 35 -8.22 20.36 1.15
CA ARG A 35 -7.57 19.63 0.07
C ARG A 35 -8.61 19.37 -1.00
N PHE A 36 -8.11 19.18 -2.21
CA PHE A 36 -8.93 18.81 -3.35
C PHE A 36 -8.04 17.98 -4.27
N ASP A 37 -8.57 16.86 -4.75
CA ASP A 37 -7.85 15.98 -5.67
C ASP A 37 -8.78 15.63 -6.83
N SER A 38 -8.41 16.07 -8.03
CA SER A 38 -9.23 15.76 -9.21
C SER A 38 -9.32 14.26 -9.47
N ASP A 39 -8.42 13.46 -8.88
CA ASP A 39 -8.42 12.00 -9.04
C ASP A 39 -9.36 11.27 -8.08
N ALA A 40 -9.82 11.92 -7.02
CA ALA A 40 -10.71 11.24 -6.09
C ALA A 40 -12.04 10.93 -6.76
N ALA A 41 -12.70 9.88 -6.27
CA ALA A 41 -14.06 9.59 -6.70
C ALA A 41 -14.96 10.76 -6.30
N SER A 42 -15.61 11.39 -7.28
CA SER A 42 -16.45 12.56 -7.01
C SER A 42 -15.61 13.65 -6.35
N PRO A 43 -14.80 14.38 -7.13
CA PRO A 43 -13.87 15.36 -6.55
C PRO A 43 -14.59 16.44 -5.76
N ARG A 44 -14.15 16.65 -4.52
CA ARG A 44 -14.72 17.68 -3.68
C ARG A 44 -13.62 18.29 -2.81
N THR A 45 -13.74 19.58 -2.55
CA THR A 45 -12.89 20.21 -1.55
C THR A 45 -13.29 19.66 -0.18
N GLU A 46 -12.32 19.12 0.56
CA GLU A 46 -12.61 18.43 1.81
C GLU A 46 -11.90 19.10 2.98
N PRO A 47 -12.48 19.04 4.18
CA PRO A 47 -11.80 19.60 5.35
C PRO A 47 -10.63 18.74 5.82
N ARG A 48 -9.60 19.41 6.37
CA ARG A 48 -8.44 18.73 6.91
C ARG A 48 -8.04 19.27 8.28
N ALA A 49 -8.83 20.16 8.87
CA ALA A 49 -8.62 20.63 10.22
C ALA A 49 -9.99 20.72 10.89
N PRO A 50 -10.07 20.50 12.21
CA PRO A 50 -11.38 20.54 12.88
C PRO A 50 -12.10 21.87 12.77
N TRP A 51 -11.37 22.98 12.88
CA TRP A 51 -11.99 24.29 12.94
C TRP A 51 -12.60 24.73 11.61
N ILE A 52 -12.23 24.12 10.49
CA ILE A 52 -12.83 24.51 9.21
C ILE A 52 -14.19 23.86 8.99
N GLU A 53 -14.52 22.81 9.73
CA GLU A 53 -15.77 22.10 9.50
C GLU A 53 -16.99 22.93 9.83
N GLN A 54 -16.85 23.95 10.69
CA GLN A 54 -17.98 24.84 11.03
C GLN A 54 -18.57 25.52 9.80
N GLU A 55 -17.82 25.61 8.71
CA GLU A 55 -18.30 26.33 7.52
C GLU A 55 -19.52 25.65 6.90
N GLY A 56 -20.42 26.48 6.33
CA GLY A 56 -21.69 26.00 5.83
C GLY A 56 -21.57 25.29 4.49
N PRO A 57 -22.72 24.79 4.00
CA PRO A 57 -22.71 24.04 2.73
C PRO A 57 -22.27 24.88 1.55
N GLU A 58 -22.70 26.14 1.49
CA GLU A 58 -22.26 27.04 0.44
C GLU A 58 -20.75 27.27 0.43
N TYR A 59 -20.10 27.25 1.58
CA TYR A 59 -18.64 27.33 1.56
C TYR A 59 -18.03 26.15 0.81
N TRP A 60 -18.42 24.93 1.20
CA TRP A 60 -17.86 23.73 0.57
C TRP A 60 -18.28 23.62 -0.89
N ASP A 61 -19.53 23.93 -1.20
CA ASP A 61 -19.96 23.89 -2.59
C ASP A 61 -19.24 24.98 -3.40
N GLY A 62 -19.08 26.18 -2.83
CA GLY A 62 -18.37 27.23 -3.55
C GLY A 62 -16.91 26.89 -3.79
N GLU A 63 -16.23 26.34 -2.78
CA GLU A 63 -14.84 25.94 -2.96
C GLU A 63 -14.73 24.82 -3.99
N THR A 64 -15.63 23.85 -3.94
CA THR A 64 -15.53 22.73 -4.88
C THR A 64 -15.70 23.20 -6.32
N ARG A 65 -16.68 24.07 -6.56
CA ARG A 65 -16.88 24.60 -7.91
C ARG A 65 -15.66 25.37 -8.38
N ASN A 66 -15.06 26.17 -7.50
CA ASN A 66 -13.87 26.91 -7.87
C ASN A 66 -12.72 25.96 -8.21
N MET A 67 -12.51 24.93 -7.38
CA MET A 67 -11.41 24.00 -7.62
C MET A 67 -11.60 23.23 -8.93
N LYS A 68 -12.83 22.83 -9.23
CA LYS A 68 -13.09 22.15 -10.51
C LYS A 68 -12.76 23.06 -11.68
N ALA A 69 -13.17 24.32 -11.61
CA ALA A 69 -12.84 25.27 -12.67
C ALA A 69 -11.33 25.50 -12.76
N SER A 70 -10.65 25.61 -11.61
CA SER A 70 -9.21 25.77 -11.61
C SER A 70 -8.52 24.57 -12.25
N ALA A 71 -8.95 23.37 -11.90
CA ALA A 71 -8.36 22.17 -12.50
C ALA A 71 -8.49 22.22 -14.02
N GLN A 72 -9.64 22.70 -14.52
CA GLN A 72 -9.84 22.82 -15.96
C GLN A 72 -8.98 23.93 -16.54
N THR A 73 -8.83 25.04 -15.81
CA THR A 73 -7.92 26.10 -16.25
C THR A 73 -6.49 25.58 -16.37
N TYR A 74 -6.05 24.75 -15.42
CA TYR A 74 -4.67 24.30 -15.49
C TYR A 74 -4.45 23.21 -16.52
N ARG A 75 -5.47 22.39 -16.81
CA ARG A 75 -5.41 21.54 -18.00
C ARG A 75 -5.05 22.38 -19.22
N GLU A 76 -5.82 23.44 -19.47
CA GLU A 76 -5.52 24.35 -20.56
C GLU A 76 -4.13 24.96 -20.43
N ASN A 77 -3.72 25.31 -19.22
CA ASN A 77 -2.41 25.95 -19.05
C ASN A 77 -1.27 25.01 -19.43
N LEU A 78 -1.43 23.71 -19.12
CA LEU A 78 -0.43 22.72 -19.49
C LEU A 78 -0.30 22.61 -21.01
N ARG A 79 -1.43 22.64 -21.73
CA ARG A 79 -1.39 22.61 -23.19
C ARG A 79 -0.73 23.86 -23.73
N ILE A 80 -1.03 25.02 -23.14
CA ILE A 80 -0.42 26.26 -23.58
C ILE A 80 1.08 26.23 -23.37
N ALA A 81 1.54 25.69 -22.23
CA ALA A 81 2.97 25.64 -21.96
C ALA A 81 3.71 24.79 -22.99
N LEU A 82 3.08 23.71 -23.47
CA LEU A 82 3.68 22.90 -24.51
C LEU A 82 3.97 23.74 -25.75
N ARG A 83 3.06 24.64 -26.12
CA ARG A 83 3.30 25.56 -27.23
C ARG A 83 4.52 26.43 -26.96
N TYR A 84 4.52 27.14 -25.83
CA TYR A 84 5.53 28.16 -25.59
C TYR A 84 6.94 27.55 -25.59
N TYR A 85 7.07 26.32 -25.11
CA TYR A 85 8.37 25.68 -25.00
C TYR A 85 8.66 24.72 -26.15
N ASN A 86 7.74 24.60 -27.10
CA ASN A 86 7.87 23.71 -28.25
C ASN A 86 8.16 22.28 -27.81
N GLN A 87 7.33 21.80 -26.88
CA GLN A 87 7.48 20.49 -26.28
C GLN A 87 6.44 19.52 -26.82
N SER A 88 6.80 18.23 -26.80
CA SER A 88 5.93 17.21 -27.34
C SER A 88 4.78 16.88 -26.38
N GLU A 89 3.70 16.32 -26.96
CA GLU A 89 2.57 15.83 -26.17
C GLU A 89 2.86 14.54 -25.44
N ALA A 90 4.06 13.96 -25.59
CA ALA A 90 4.34 12.65 -25.03
C ALA A 90 4.78 12.71 -23.56
N GLY A 91 5.51 13.78 -23.17
CA GLY A 91 6.04 13.85 -21.82
C GLY A 91 5.05 14.38 -20.80
N SER A 92 5.31 14.04 -19.54
CA SER A 92 4.55 14.58 -18.41
C SER A 92 5.22 15.83 -17.87
N HIS A 93 4.41 16.85 -17.59
CA HIS A 93 4.90 18.14 -17.12
C HIS A 93 4.08 18.60 -15.92
N ILE A 94 4.66 19.52 -15.14
CA ILE A 94 4.05 19.97 -13.90
C ILE A 94 4.00 21.50 -13.87
N ILE A 95 2.82 22.03 -13.57
CA ILE A 95 2.65 23.43 -13.23
C ILE A 95 2.36 23.49 -11.74
N GLN A 96 2.96 24.45 -11.06
CA GLN A 96 2.69 24.69 -9.66
C GLN A 96 2.34 26.15 -9.45
N ARG A 97 1.53 26.39 -8.43
CA ARG A 97 1.21 27.75 -8.06
C ARG A 97 1.10 27.83 -6.55
N MET A 98 1.66 28.88 -5.96
CA MET A 98 1.47 29.13 -4.54
C MET A 98 1.17 30.60 -4.37
N TYR A 99 0.16 30.90 -3.55
CA TYR A 99 -0.26 32.28 -3.35
C TYR A 99 -0.87 32.39 -1.97
N GLY A 100 -0.94 33.62 -1.48
CA GLY A 100 -1.56 33.87 -0.20
C GLY A 100 -1.10 35.19 0.39
N CYS A 101 -1.45 35.38 1.66
CA CYS A 101 -1.23 36.65 2.34
C CYS A 101 -0.53 36.42 3.68
N ASP A 102 0.34 37.37 4.04
CA ASP A 102 1.05 37.40 5.30
C ASP A 102 0.48 38.52 6.15
N LEU A 103 0.16 38.23 7.40
CA LEU A 103 -0.31 39.23 8.35
C LEU A 103 0.83 39.54 9.32
N GLY A 104 1.06 40.84 9.58
CA GLY A 104 1.98 41.23 10.62
C GLY A 104 1.41 40.96 12.00
N PRO A 105 2.19 41.29 13.04
CA PRO A 105 1.73 41.01 14.42
C PRO A 105 0.49 41.80 14.84
N ASP A 106 0.10 42.83 14.09
CA ASP A 106 -1.10 43.62 14.35
C ASP A 106 -2.35 43.03 13.67
N GLY A 107 -2.20 41.97 12.87
CA GLY A 107 -3.31 41.38 12.17
C GLY A 107 -3.70 42.06 10.88
N ARG A 108 -2.86 42.96 10.37
CA ARG A 108 -3.09 43.61 9.09
C ARG A 108 -2.10 43.10 8.06
N LEU A 109 -2.50 43.21 6.79
CA LEU A 109 -1.73 42.67 5.68
C LEU A 109 -0.32 43.22 5.70
N LEU A 110 0.64 42.31 5.75
CA LEU A 110 2.04 42.69 5.68
C LEU A 110 2.61 42.47 4.28
N ARG A 111 2.18 41.40 3.60
CA ARG A 111 2.65 41.10 2.25
C ARG A 111 1.70 40.14 1.53
N GLY A 112 1.57 40.33 0.21
CA GLY A 112 0.86 39.39 -0.64
C GLY A 112 1.86 38.63 -1.51
N HIS A 113 1.50 37.39 -1.88
CA HIS A 113 2.34 36.50 -2.69
C HIS A 113 1.51 35.83 -3.78
N ASP A 114 2.12 35.65 -4.96
CA ASP A 114 1.54 34.80 -6.00
C ASP A 114 2.64 34.39 -6.96
N GLN A 115 3.00 33.11 -6.97
CA GLN A 115 4.08 32.59 -7.78
C GLN A 115 3.61 31.36 -8.53
N SER A 116 4.09 31.21 -9.76
CA SER A 116 3.82 30.04 -10.59
C SER A 116 5.15 29.47 -11.07
N ALA A 117 5.16 28.17 -11.30
CA ALA A 117 6.36 27.47 -11.74
C ALA A 117 5.99 26.49 -12.85
N TYR A 118 6.99 26.17 -13.67
CA TYR A 118 6.83 25.17 -14.72
C TYR A 118 7.98 24.19 -14.64
N ASP A 119 7.66 22.89 -14.54
CA ASP A 119 8.67 21.84 -14.42
C ASP A 119 9.73 22.20 -13.38
N GLY A 120 9.30 22.71 -12.24
CA GLY A 120 10.17 22.91 -11.09
C GLY A 120 11.00 24.18 -11.09
N LYS A 121 10.76 25.08 -12.02
CA LYS A 121 11.53 26.30 -12.21
C LYS A 121 10.56 27.48 -12.13
N ASP A 122 11.02 28.58 -11.54
CA ASP A 122 10.26 29.83 -11.56
C ASP A 122 9.73 30.12 -12.96
N TYR A 123 8.46 30.51 -13.03
CA TYR A 123 7.87 30.92 -14.29
C TYR A 123 7.47 32.39 -14.21
N ILE A 124 6.47 32.73 -13.43
CA ILE A 124 6.07 34.12 -13.28
C ILE A 124 5.67 34.34 -11.82
N ALA A 125 5.94 35.54 -11.33
CA ALA A 125 5.65 35.91 -9.96
C ALA A 125 5.05 37.30 -9.96
N LEU A 126 4.05 37.49 -9.13
CA LEU A 126 3.56 38.82 -8.85
C LEU A 126 4.57 39.55 -7.99
N ASN A 127 4.89 40.80 -8.34
CA ASN A 127 5.87 41.55 -7.55
C ASN A 127 5.23 42.02 -6.25
N GLU A 128 6.09 42.49 -5.32
CA GLU A 128 5.61 42.90 -4.00
C GLU A 128 4.63 44.06 -4.07
N ASP A 129 4.69 44.88 -5.12
CA ASP A 129 3.72 45.96 -5.27
C ASP A 129 2.31 45.44 -5.57
N LEU A 130 2.17 44.16 -5.93
CA LEU A 130 0.89 43.55 -6.27
C LEU A 130 0.27 44.14 -7.54
N SER A 131 1.10 44.73 -8.40
CA SER A 131 0.63 45.38 -9.63
C SER A 131 1.42 45.05 -10.88
N SER A 132 2.61 44.47 -10.74
CA SER A 132 3.48 44.14 -11.86
C SER A 132 4.01 42.72 -11.68
N TRP A 133 4.57 42.18 -12.75
CA TRP A 133 4.98 40.78 -12.79
C TRP A 133 6.47 40.67 -13.05
N THR A 134 7.05 39.58 -12.56
CA THR A 134 8.42 39.19 -12.92
C THR A 134 8.36 37.87 -13.66
N ALA A 135 8.82 37.87 -14.91
CA ALA A 135 8.87 36.67 -15.72
C ALA A 135 10.28 36.10 -15.67
N ALA A 136 10.37 34.78 -15.42
CA ALA A 136 11.67 34.14 -15.30
C ALA A 136 12.33 33.86 -16.64
N ASP A 137 11.54 33.70 -17.70
CA ASP A 137 12.11 33.37 -19.01
C ASP A 137 11.22 33.97 -20.10
N THR A 138 11.62 33.73 -21.36
CA THR A 138 10.93 34.34 -22.48
C THR A 138 9.52 33.77 -22.67
N ALA A 139 9.29 32.51 -22.32
CA ALA A 139 7.94 31.97 -22.40
C ALA A 139 7.01 32.68 -21.43
N ALA A 140 7.48 32.90 -20.21
CA ALA A 140 6.69 33.59 -19.20
C ALA A 140 6.38 35.04 -19.59
N GLN A 141 7.24 35.66 -20.42
CA GLN A 141 6.95 37.01 -20.87
C GLN A 141 5.74 37.03 -21.81
N ILE A 142 5.51 35.94 -22.53
CA ILE A 142 4.27 35.80 -23.29
C ILE A 142 3.06 35.87 -22.35
N THR A 143 3.10 35.08 -21.27
CA THR A 143 2.04 35.11 -20.28
C THR A 143 1.95 36.47 -19.60
N GLN A 144 3.10 37.07 -19.28
CA GLN A 144 3.09 38.35 -18.61
C GLN A 144 2.32 39.39 -19.41
N ARG A 145 2.54 39.42 -20.74
CA ARG A 145 1.85 40.39 -21.58
C ARG A 145 0.35 40.15 -21.59
N LYS A 146 -0.07 38.89 -21.71
CA LYS A 146 -1.49 38.58 -21.66
C LYS A 146 -2.11 39.02 -20.33
N TRP A 147 -1.37 38.86 -19.23
CA TRP A 147 -1.92 39.18 -17.91
C TRP A 147 -1.97 40.69 -17.69
N GLU A 148 -0.99 41.43 -18.20
CA GLU A 148 -1.07 42.88 -18.19
C GLU A 148 -2.27 43.35 -18.99
N ALA A 149 -2.47 42.76 -20.17
CA ALA A 149 -3.55 43.16 -21.06
C ALA A 149 -4.91 42.92 -20.44
N ALA A 150 -5.07 41.80 -19.72
CA ALA A 150 -6.34 41.44 -19.10
C ALA A 150 -6.48 41.95 -17.67
N ARG A 151 -5.58 42.81 -17.22
CA ARG A 151 -5.65 43.42 -15.88
C ARG A 151 -5.72 42.37 -14.77
N VAL A 152 -4.96 41.29 -14.93
CA VAL A 152 -4.99 40.21 -13.95
C VAL A 152 -4.51 40.68 -12.58
N ALA A 153 -3.44 41.47 -12.55
CA ALA A 153 -2.82 41.82 -11.28
C ALA A 153 -3.79 42.58 -10.37
N GLU A 154 -4.62 43.45 -10.95
CA GLU A 154 -5.57 44.19 -10.14
C GLU A 154 -6.57 43.26 -9.45
N GLN A 155 -7.03 42.23 -10.16
CA GLN A 155 -7.95 41.29 -9.54
C GLN A 155 -7.28 40.47 -8.45
N LEU A 156 -6.03 40.06 -8.67
CA LEU A 156 -5.30 39.32 -7.63
C LEU A 156 -5.00 40.19 -6.43
N ARG A 157 -4.62 41.46 -6.67
CA ARG A 157 -4.40 42.37 -5.54
C ARG A 157 -5.67 42.53 -4.71
N ALA A 158 -6.82 42.62 -5.37
CA ALA A 158 -8.07 42.74 -4.65
C ALA A 158 -8.31 41.49 -3.80
N TYR A 159 -7.99 40.31 -4.31
CA TYR A 159 -8.15 39.10 -3.50
C TYR A 159 -7.20 39.11 -2.32
N LEU A 160 -5.92 39.35 -2.57
CA LEU A 160 -4.88 39.24 -1.55
C LEU A 160 -5.07 40.26 -0.43
N GLU A 161 -5.41 41.51 -0.79
CA GLU A 161 -5.67 42.56 0.21
C GLU A 161 -7.03 42.44 0.87
N GLY A 162 -7.97 41.71 0.26
CA GLY A 162 -9.33 41.65 0.74
C GLY A 162 -9.74 40.31 1.30
N LEU A 163 -10.34 39.46 0.46
CA LEU A 163 -10.89 38.19 0.92
C LEU A 163 -9.81 37.33 1.58
N CYS A 164 -8.56 37.37 1.10
CA CYS A 164 -7.50 36.56 1.69
C CYS A 164 -7.28 36.91 3.15
N VAL A 165 -7.06 38.20 3.43
CA VAL A 165 -6.86 38.67 4.81
C VAL A 165 -8.10 38.40 5.64
N GLU A 166 -9.25 38.52 5.01
CA GLU A 166 -10.56 38.48 5.65
C GLU A 166 -10.91 37.06 6.06
N TRP A 167 -10.62 36.08 5.20
CA TRP A 167 -10.85 34.69 5.57
C TRP A 167 -9.77 34.17 6.50
N LEU A 168 -8.52 34.61 6.31
CA LEU A 168 -7.46 34.19 7.24
C LEU A 168 -7.77 34.64 8.66
N ARG A 169 -8.20 35.90 8.84
CA ARG A 169 -8.55 36.39 10.18
C ARG A 169 -9.67 35.56 10.79
N ARG A 170 -10.64 35.18 9.97
CA ARG A 170 -11.74 34.35 10.45
C ARG A 170 -11.27 32.96 10.86
N TYR A 171 -10.39 32.35 10.05
CA TYR A 171 -9.86 31.03 10.39
C TYR A 171 -9.06 31.09 11.69
N LEU A 172 -8.22 32.12 11.84
CA LEU A 172 -7.41 32.27 13.05
C LEU A 172 -8.28 32.35 14.30
N GLU A 173 -9.39 33.07 14.22
CA GLU A 173 -10.29 33.19 15.36
C GLU A 173 -11.00 31.88 15.65
N ASN A 174 -11.54 31.24 14.61
CA ASN A 174 -12.26 29.98 14.78
C ASN A 174 -11.34 28.88 15.28
N GLY A 175 -10.07 28.92 14.91
CA GLY A 175 -9.14 27.89 15.31
C GLY A 175 -8.11 28.40 16.29
N LYS A 176 -8.48 29.41 17.08
CA LYS A 176 -7.48 30.06 17.94
C LYS A 176 -6.86 29.09 18.93
N GLU A 177 -7.63 28.09 19.38
CA GLU A 177 -7.14 27.16 20.38
C GLU A 177 -5.89 26.45 19.93
N THR A 178 -5.86 26.10 18.65
CA THR A 178 -4.74 25.40 18.06
C THR A 178 -3.85 26.29 17.20
N LEU A 179 -4.43 27.28 16.53
CA LEU A 179 -3.63 28.12 15.64
C LEU A 179 -2.89 29.24 16.37
N GLN A 180 -3.44 29.75 17.47
CA GLN A 180 -2.80 30.89 18.13
C GLN A 180 -2.22 30.55 19.49
N ARG A 181 -2.12 29.27 19.83
CA ARG A 181 -1.58 28.81 21.11
C ARG A 181 -0.38 27.90 20.81
N ALA A 182 0.80 28.50 20.71
CA ALA A 182 2.02 27.78 20.37
C ALA A 182 2.33 26.67 21.39
N ASP A 183 2.82 25.53 20.88
CA ASP A 183 3.35 24.43 21.71
C ASP A 183 4.85 24.55 21.80
N PRO A 184 5.42 24.74 22.98
CA PRO A 184 6.89 24.77 23.09
C PRO A 184 7.47 23.40 22.84
N PRO A 185 8.71 23.31 22.38
CA PRO A 185 9.33 22.00 22.21
C PRO A 185 9.62 21.35 23.56
N LYS A 186 9.53 20.02 23.58
CA LYS A 186 10.12 19.23 24.65
C LYS A 186 11.50 18.79 24.19
N THR A 187 12.49 19.04 25.03
CA THR A 187 13.89 18.99 24.61
C THR A 187 14.70 18.05 25.49
N HIS A 188 15.73 17.44 24.89
CA HIS A 188 16.70 16.67 25.66
C HIS A 188 17.93 16.42 24.80
N VAL A 189 19.03 16.08 25.48
CA VAL A 189 20.31 15.82 24.85
C VAL A 189 20.61 14.33 25.01
N THR A 190 20.99 13.69 23.91
CA THR A 190 21.40 12.28 23.92
C THR A 190 22.86 12.19 23.49
N HIS A 191 23.50 11.09 23.91
CA HIS A 191 24.93 10.84 23.77
C HIS A 191 25.12 9.48 23.11
N HIS A 192 25.86 9.45 22.01
CA HIS A 192 26.06 8.21 21.26
C HIS A 192 27.54 8.00 20.96
N PRO A 193 28.22 7.09 21.65
CA PRO A 193 29.63 6.85 21.38
C PRO A 193 29.86 6.43 19.94
N ILE A 194 30.91 7.01 19.35
CA ILE A 194 31.38 6.60 18.04
C ILE A 194 32.54 5.61 18.17
N SER A 195 33.40 5.88 19.13
CA SER A 195 34.54 5.07 19.51
C SER A 195 34.73 5.29 21.00
N ASP A 196 35.82 4.75 21.56
CA ASP A 196 36.13 5.06 22.95
C ASP A 196 36.66 6.48 23.12
N HIS A 197 36.90 7.20 22.02
CA HIS A 197 37.47 8.55 22.06
C HIS A 197 36.59 9.63 21.46
N GLU A 198 35.43 9.28 20.90
CA GLU A 198 34.56 10.28 20.32
C GLU A 198 33.11 9.86 20.48
N ALA A 199 32.22 10.86 20.49
CA ALA A 199 30.81 10.60 20.66
C ALA A 199 30.01 11.72 19.97
N THR A 200 28.76 11.40 19.65
CA THR A 200 27.80 12.36 19.13
C THR A 200 26.91 12.88 20.25
N LEU A 201 26.83 14.20 20.39
CA LEU A 201 25.81 14.83 21.22
C LEU A 201 24.67 15.27 20.30
N ARG A 202 23.47 14.76 20.56
CA ARG A 202 22.33 15.10 19.72
C ARG A 202 21.29 15.85 20.56
N CYS A 203 20.94 17.04 20.11
CA CYS A 203 19.97 17.90 20.76
C CYS A 203 18.63 17.75 20.06
N TRP A 204 17.61 17.35 20.80
CA TRP A 204 16.28 17.02 20.28
C TRP A 204 15.27 18.08 20.67
N ALA A 205 14.42 18.45 19.72
CA ALA A 205 13.23 19.25 20.02
C ALA A 205 12.02 18.53 19.44
N LEU A 206 11.02 18.28 20.27
CA LEU A 206 9.89 17.47 19.88
C LEU A 206 8.58 18.13 20.28
N GLY A 207 7.54 17.82 19.52
CA GLY A 207 6.17 18.23 19.78
C GLY A 207 5.92 19.73 19.75
N PHE A 208 6.66 20.47 18.93
CA PHE A 208 6.50 21.91 18.91
C PHE A 208 5.67 22.34 17.72
N TYR A 209 4.96 23.45 17.90
CA TYR A 209 4.16 24.12 16.86
C TYR A 209 4.17 25.63 17.16
N PRO A 210 4.42 26.49 16.15
CA PRO A 210 4.62 26.15 14.73
C PRO A 210 6.01 25.61 14.41
N ALA A 211 6.26 25.41 13.11
CA ALA A 211 7.44 24.69 12.65
C ALA A 211 8.73 25.48 12.83
N GLU A 212 8.65 26.81 12.77
CA GLU A 212 9.85 27.62 12.91
C GLU A 212 10.52 27.35 14.27
N ILE A 213 11.84 27.16 14.27
CA ILE A 213 12.59 26.89 15.49
C ILE A 213 14.07 27.11 15.18
N THR A 214 14.87 27.39 16.21
CA THR A 214 16.32 27.51 16.04
C THR A 214 17.01 26.60 17.05
N LEU A 215 17.82 25.68 16.55
CA LEU A 215 18.64 24.80 17.38
C LEU A 215 20.09 25.03 17.02
N THR A 216 20.90 25.35 18.02
CA THR A 216 22.30 25.59 17.78
C THR A 216 23.14 24.98 18.90
N TRP A 217 24.33 24.53 18.54
CA TRP A 217 25.26 23.98 19.50
C TRP A 217 26.37 24.99 19.73
N GLN A 218 26.73 25.19 21.00
CA GLN A 218 27.81 26.08 21.37
C GLN A 218 28.87 25.30 22.16
N ARG A 219 30.14 25.66 21.96
CA ARG A 219 31.26 25.13 22.71
C ARG A 219 31.92 26.30 23.45
N ASP A 220 31.91 26.24 24.78
CA ASP A 220 32.42 27.34 25.62
C ASP A 220 31.70 28.65 25.27
N GLY A 221 30.40 28.57 25.00
CA GLY A 221 29.62 29.73 24.62
C GLY A 221 29.87 30.26 23.22
N GLU A 222 30.69 29.54 22.45
CA GLU A 222 31.03 29.88 21.07
C GLU A 222 30.17 29.02 20.16
N ASP A 223 29.66 29.58 19.06
CA ASP A 223 28.79 28.76 18.20
C ASP A 223 29.62 27.86 17.27
N GLN A 224 29.05 26.69 16.98
CA GLN A 224 29.69 25.64 16.19
C GLN A 224 28.94 25.35 14.90
N THR A 225 28.58 26.38 14.12
CA THR A 225 27.75 26.15 12.94
C THR A 225 28.42 25.19 11.97
N GLN A 226 29.72 25.33 11.77
CA GLN A 226 30.39 24.51 10.76
C GLN A 226 30.39 23.03 11.13
N ASP A 227 30.39 22.72 12.43
CA ASP A 227 30.47 21.34 12.86
C ASP A 227 29.14 20.75 13.29
N THR A 228 28.03 21.46 13.08
CA THR A 228 26.72 20.97 13.49
C THR A 228 25.98 20.36 12.30
N GLU A 229 25.53 19.12 12.46
CA GLU A 229 24.61 18.50 11.52
C GLU A 229 23.19 18.85 11.96
N LEU A 230 22.43 19.47 11.06
CA LEU A 230 21.05 19.86 11.29
C LEU A 230 20.17 19.04 10.36
N VAL A 231 19.21 18.32 10.90
CA VAL A 231 18.23 17.72 10.00
C VAL A 231 17.16 18.76 9.77
N GLU A 232 16.50 18.64 8.63
CA GLU A 232 15.39 19.50 8.31
C GLU A 232 14.23 19.19 9.27
N THR A 233 13.48 20.23 9.62
CA THR A 233 12.33 20.08 10.50
C THR A 233 11.32 19.12 9.87
N ARG A 234 10.76 18.23 10.68
CA ARG A 234 9.92 17.17 10.14
C ARG A 234 8.61 17.06 10.91
N PRO A 235 7.53 16.68 10.24
CA PRO A 235 6.23 16.58 10.92
C PRO A 235 6.11 15.31 11.74
N ALA A 236 5.55 15.44 12.92
CA ALA A 236 5.31 14.27 13.77
C ALA A 236 4.08 13.49 13.34
N GLY A 237 3.16 14.11 12.60
CA GLY A 237 1.93 13.48 12.16
C GLY A 237 0.71 13.86 12.96
N ASP A 238 0.91 14.52 14.11
CA ASP A 238 -0.19 15.01 14.93
C ASP A 238 -0.26 16.53 14.95
N ARG A 239 0.22 17.16 13.86
CA ARG A 239 0.30 18.62 13.71
C ARG A 239 1.35 19.27 14.59
N THR A 240 2.30 18.51 15.13
CA THR A 240 3.50 19.11 15.71
C THR A 240 4.71 18.69 14.90
N PHE A 241 5.87 19.23 15.26
CA PHE A 241 7.06 19.08 14.46
C PHE A 241 8.22 18.63 15.35
N GLN A 242 9.29 18.16 14.69
CA GLN A 242 10.47 17.65 15.36
C GLN A 242 11.71 18.15 14.63
N LYS A 243 12.80 18.30 15.37
CA LYS A 243 14.07 18.66 14.76
C LYS A 243 15.16 18.18 15.69
N TRP A 244 16.34 17.90 15.13
CA TRP A 244 17.51 17.71 15.98
C TRP A 244 18.75 18.29 15.33
N ALA A 245 19.72 18.59 16.20
CA ALA A 245 21.04 19.06 15.81
C ALA A 245 22.09 18.24 16.55
N ALA A 246 23.16 17.87 15.84
CA ALA A 246 24.18 17.00 16.39
C ALA A 246 25.58 17.57 16.19
N VAL A 247 26.47 17.21 17.11
CA VAL A 247 27.88 17.58 17.00
C VAL A 247 28.74 16.41 17.50
N VAL A 248 29.90 16.23 16.86
CA VAL A 248 30.86 15.18 17.22
C VAL A 248 31.86 15.77 18.21
N VAL A 249 32.00 15.11 19.36
CA VAL A 249 32.70 15.68 20.50
C VAL A 249 33.85 14.77 20.93
N PRO A 250 35.02 15.28 21.26
CA PRO A 250 36.05 14.43 21.85
C PRO A 250 35.65 14.01 23.26
N SER A 251 35.85 12.73 23.56
CA SER A 251 35.45 12.20 24.86
C SER A 251 36.16 12.98 25.97
N GLY A 252 35.37 13.45 26.95
CA GLY A 252 35.87 14.28 28.01
C GLY A 252 35.52 15.75 27.88
N GLU A 253 35.12 16.18 26.70
CA GLU A 253 34.74 17.57 26.48
C GLU A 253 33.24 17.80 26.48
N GLU A 254 32.42 16.76 26.74
CA GLU A 254 30.97 16.86 26.56
C GLU A 254 30.36 18.06 27.29
N GLN A 255 30.84 18.37 28.48
CA GLN A 255 30.17 19.39 29.28
C GLN A 255 30.51 20.81 28.83
N ARG A 256 31.46 20.99 27.90
CA ARG A 256 31.68 22.31 27.33
C ARG A 256 30.65 22.67 26.27
N TYR A 257 29.78 21.73 25.88
CA TYR A 257 28.87 21.92 24.76
C TYR A 257 27.48 22.16 25.30
N THR A 258 26.83 23.20 24.80
CA THR A 258 25.47 23.51 25.21
C THR A 258 24.60 23.62 23.97
N CYS A 259 23.37 23.13 24.07
CA CYS A 259 22.39 23.27 23.00
C CYS A 259 21.44 24.41 23.35
N HIS A 260 21.18 25.27 22.36
CA HIS A 260 20.32 26.43 22.54
C HIS A 260 19.09 26.32 21.65
N VAL A 261 17.92 26.44 22.27
CA VAL A 261 16.65 26.25 21.61
C VAL A 261 15.89 27.56 21.67
N GLN A 262 15.54 28.08 20.50
CA GLN A 262 14.69 29.26 20.40
C GLN A 262 13.40 28.86 19.69
N HIS A 263 12.27 29.05 20.35
CA HIS A 263 10.97 28.79 19.78
C HIS A 263 9.96 29.75 20.40
N GLU A 264 9.04 30.25 19.56
CA GLU A 264 8.10 31.26 20.05
C GLU A 264 7.24 30.75 21.20
N GLY A 265 7.05 29.45 21.33
CA GLY A 265 6.32 28.94 22.49
C GLY A 265 7.10 29.00 23.80
N LEU A 266 8.38 29.37 23.74
CA LEU A 266 9.21 29.39 24.94
C LEU A 266 9.33 30.81 25.48
N PRO A 267 9.16 31.01 26.79
CA PRO A 267 9.40 32.36 27.35
C PRO A 267 10.80 32.86 27.07
N LYS A 268 11.81 32.08 27.43
CA LYS A 268 13.22 32.39 27.20
C LYS A 268 13.88 31.24 26.47
N PRO A 269 14.88 31.52 25.62
CA PRO A 269 15.63 30.44 24.98
C PRO A 269 16.22 29.47 25.99
N LEU A 270 15.99 28.18 25.76
CA LEU A 270 16.56 27.17 26.64
C LEU A 270 18.03 26.97 26.36
N THR A 271 18.76 26.56 27.40
CA THR A 271 20.14 26.11 27.30
C THR A 271 20.20 24.71 27.90
N LEU A 272 20.72 23.75 27.14
CA LEU A 272 20.71 22.37 27.60
C LEU A 272 22.10 21.75 27.45
N ARG A 273 22.33 20.73 28.26
CA ARG A 273 23.58 20.00 28.31
C ARG A 273 23.25 18.51 28.41
N TRP A 274 24.23 17.66 28.10
CA TRP A 274 24.03 16.24 28.32
C TRP A 274 23.89 15.97 29.82
N GLU A 275 22.77 15.40 30.22
CA GLU A 275 22.57 15.15 31.64
C GLU A 275 22.53 13.64 31.88
N PRO A 276 23.69 13.02 32.01
CA PRO A 276 23.74 11.56 32.05
C PRO A 276 23.08 10.99 33.30
N HIS A 277 22.36 9.90 33.11
CA HIS A 277 21.55 9.33 34.18
C HIS A 277 22.39 8.45 35.10
N ILE B 1 15.06 20.68 -13.17
CA ILE B 1 14.30 19.55 -13.69
C ILE B 1 14.15 18.45 -12.63
N GLN B 2 15.21 17.72 -12.28
CA GLN B 2 15.09 16.60 -11.37
C GLN B 2 15.85 16.81 -10.08
N ARG B 3 15.16 16.61 -8.95
CA ARG B 3 15.76 16.70 -7.63
C ARG B 3 15.45 15.43 -6.87
N THR B 4 16.49 14.83 -6.28
CA THR B 4 16.31 13.56 -5.60
C THR B 4 15.75 13.80 -4.20
N PRO B 5 14.93 12.88 -3.71
CA PRO B 5 14.31 13.09 -2.39
C PRO B 5 15.29 12.90 -1.23
N LYS B 6 15.09 13.71 -0.20
CA LYS B 6 15.63 13.39 1.11
C LYS B 6 14.65 12.52 1.88
N ILE B 7 15.20 11.66 2.75
CA ILE B 7 14.40 10.67 3.47
C ILE B 7 14.74 10.74 4.95
N GLN B 8 13.71 10.77 5.80
CA GLN B 8 13.87 10.61 7.25
C GLN B 8 12.86 9.58 7.73
N VAL B 9 13.31 8.60 8.50
CA VAL B 9 12.46 7.57 9.08
C VAL B 9 12.56 7.69 10.59
N TYR B 10 11.43 7.76 11.27
CA TYR B 10 11.41 8.09 12.69
C TYR B 10 10.04 7.77 13.25
N SER B 11 9.96 7.75 14.57
CA SER B 11 8.71 7.50 15.25
C SER B 11 8.13 8.82 15.73
N ARG B 12 6.80 8.86 15.88
CA ARG B 12 6.15 10.06 16.38
C ARG B 12 6.63 10.40 17.78
N HIS B 13 6.75 9.39 18.65
CA HIS B 13 7.20 9.58 20.01
C HIS B 13 8.45 8.75 20.29
N PRO B 14 9.24 9.12 21.29
CA PRO B 14 10.42 8.30 21.63
C PRO B 14 10.01 6.85 21.81
N ALA B 15 10.73 5.96 21.13
CA ALA B 15 10.30 4.57 21.05
C ALA B 15 10.53 3.87 22.38
N GLU B 16 9.53 3.13 22.84
CA GLU B 16 9.64 2.24 24.00
C GLU B 16 9.11 0.88 23.59
N ASN B 17 9.93 -0.15 23.75
CA ASN B 17 9.52 -1.48 23.30
C ASN B 17 8.23 -1.88 24.00
N GLY B 18 7.29 -2.41 23.22
CA GLY B 18 6.00 -2.82 23.74
C GLY B 18 4.96 -1.72 23.87
N LYS B 19 5.30 -0.47 23.57
CA LYS B 19 4.36 0.64 23.65
C LYS B 19 3.95 1.09 22.24
N SER B 20 2.65 1.36 22.09
CA SER B 20 2.12 1.73 20.78
C SER B 20 2.63 3.10 20.37
N ASN B 21 2.89 3.25 19.08
CA ASN B 21 3.58 4.43 18.55
C ASN B 21 3.15 4.60 17.09
N PHE B 22 3.76 5.56 16.41
CA PHE B 22 3.55 5.76 14.98
C PHE B 22 4.91 5.79 14.29
N LEU B 23 5.03 5.08 13.17
CA LEU B 23 6.23 5.07 12.36
C LEU B 23 6.04 6.02 11.18
N ASN B 24 7.00 6.94 10.99
CA ASN B 24 6.91 7.98 9.96
C ASN B 24 8.04 7.83 8.95
N CYS B 25 7.72 8.06 7.70
CA CYS B 25 8.74 8.25 6.67
C CYS B 25 8.43 9.55 5.94
N TYR B 26 9.30 10.54 6.10
CA TYR B 26 9.09 11.87 5.55
C TYR B 26 10.02 12.02 4.35
N VAL B 27 9.44 12.28 3.17
CA VAL B 27 10.22 12.46 1.95
C VAL B 27 10.03 13.88 1.47
N SER B 28 11.13 14.55 1.16
CA SER B 28 11.03 15.98 0.85
C SER B 28 12.12 16.34 -0.13
N GLY B 29 12.02 17.56 -0.65
CA GLY B 29 13.01 18.11 -1.55
C GLY B 29 13.06 17.48 -2.93
N PHE B 30 12.00 16.81 -3.36
CA PHE B 30 12.07 16.07 -4.61
C PHE B 30 11.23 16.69 -5.72
N HIS B 31 11.66 16.43 -6.95
CA HIS B 31 10.97 16.88 -8.13
C HIS B 31 11.38 15.96 -9.27
N PRO B 32 10.42 15.51 -10.09
CA PRO B 32 8.96 15.77 -10.07
C PRO B 32 8.23 14.99 -8.97
N SER B 33 6.90 15.06 -8.98
CA SER B 33 6.10 14.60 -7.85
C SER B 33 5.90 13.09 -7.79
N ASP B 34 6.06 12.35 -8.89
CA ASP B 34 5.86 10.90 -8.85
C ASP B 34 6.89 10.25 -7.94
N ILE B 35 6.44 9.50 -6.94
CA ILE B 35 7.34 8.85 -5.99
C ILE B 35 6.67 7.59 -5.43
N GLU B 36 7.50 6.58 -5.13
CA GLU B 36 7.11 5.30 -4.54
C GLU B 36 7.59 5.30 -3.09
N VAL B 37 6.69 5.19 -2.12
CA VAL B 37 7.13 5.09 -0.74
C VAL B 37 6.45 3.90 -0.08
N ASP B 38 7.25 3.06 0.56
CA ASP B 38 6.73 1.93 1.33
C ASP B 38 7.41 1.87 2.68
N LEU B 39 6.64 1.52 3.71
CA LEU B 39 7.18 1.22 5.03
C LEU B 39 7.27 -0.29 5.20
N LEU B 40 8.41 -0.77 5.70
CA LEU B 40 8.69 -2.19 5.80
C LEU B 40 8.85 -2.64 7.25
N LYS B 41 8.29 -3.81 7.54
CA LYS B 41 8.49 -4.51 8.80
C LYS B 41 9.16 -5.85 8.48
N ASN B 42 10.39 -6.03 8.96
CA ASN B 42 11.18 -7.22 8.68
C ASN B 42 11.30 -7.46 7.18
N GLY B 43 11.45 -6.36 6.43
CA GLY B 43 11.62 -6.39 4.99
C GLY B 43 10.35 -6.54 4.18
N GLU B 44 9.20 -6.75 4.82
CA GLU B 44 7.94 -6.95 4.12
C GLU B 44 7.06 -5.72 4.28
N ARG B 45 6.25 -5.45 3.27
CA ARG B 45 5.47 -4.22 3.21
C ARG B 45 4.38 -4.21 4.29
N ILE B 46 4.26 -3.07 4.98
CA ILE B 46 3.19 -2.90 5.98
C ILE B 46 1.92 -2.50 5.27
N GLU B 47 0.81 -3.14 5.64
CA GLU B 47 -0.42 -3.10 4.85
C GLU B 47 -1.02 -1.70 4.81
N LYS B 48 -1.49 -1.21 5.96
CA LYS B 48 -2.28 0.01 6.00
C LYS B 48 -1.36 1.17 6.32
N VAL B 49 -0.86 1.81 5.27
CA VAL B 49 0.01 2.97 5.38
C VAL B 49 -0.72 4.16 4.78
N GLU B 50 -0.81 5.23 5.55
CA GLU B 50 -1.46 6.43 5.08
C GLU B 50 -0.42 7.49 4.75
N HIS B 51 -0.81 8.45 3.91
CA HIS B 51 0.13 9.49 3.53
C HIS B 51 -0.60 10.82 3.42
N SER B 52 0.15 11.90 3.58
CA SER B 52 -0.35 13.26 3.55
C SER B 52 -0.67 13.68 2.11
N ASP B 53 -1.41 14.78 2.00
CA ASP B 53 -1.73 15.36 0.70
C ASP B 53 -0.51 16.06 0.12
N LEU B 54 -0.30 15.88 -1.18
CA LEU B 54 0.87 16.41 -1.86
C LEU B 54 0.95 17.93 -1.70
N SER B 55 2.09 18.41 -1.20
CA SER B 55 2.34 19.83 -1.05
C SER B 55 3.80 20.08 -1.41
N PHE B 56 4.22 21.34 -1.37
CA PHE B 56 5.59 21.67 -1.76
C PHE B 56 6.10 22.87 -0.98
N SER B 57 7.41 23.01 -1.00
CA SER B 57 8.12 24.04 -0.27
C SER B 57 8.30 25.31 -1.10
N LYS B 58 8.95 26.29 -0.49
CA LYS B 58 9.13 27.59 -1.11
C LYS B 58 9.97 27.48 -2.37
N ASP B 59 10.87 26.50 -2.43
CA ASP B 59 11.71 26.26 -3.61
C ASP B 59 11.05 25.36 -4.64
N TRP B 60 9.76 25.06 -4.48
CA TRP B 60 8.92 24.28 -5.38
C TRP B 60 9.08 22.76 -5.21
N SER B 61 9.97 22.29 -4.35
CA SER B 61 10.16 20.85 -4.20
C SER B 61 9.07 20.26 -3.31
N PHE B 62 8.64 19.05 -3.64
CA PHE B 62 7.51 18.40 -2.99
C PHE B 62 7.90 17.75 -1.67
N TYR B 63 6.90 17.51 -0.83
CA TYR B 63 7.13 16.73 0.38
C TYR B 63 5.87 15.95 0.74
N LEU B 64 6.08 14.81 1.40
CA LEU B 64 5.00 13.91 1.78
C LEU B 64 5.41 13.19 3.06
N LEU B 65 4.43 12.90 3.89
CA LEU B 65 4.63 12.10 5.08
C LEU B 65 3.85 10.80 4.92
N TYR B 66 4.54 9.67 5.04
CA TYR B 66 3.91 8.35 5.10
C TYR B 66 4.00 7.83 6.53
N TYR B 67 2.91 7.26 7.04
CA TYR B 67 2.89 6.86 8.43
C TYR B 67 1.95 5.68 8.64
N THR B 68 2.22 4.94 9.71
CA THR B 68 1.38 3.82 10.15
C THR B 68 1.57 3.63 11.66
N GLU B 69 0.52 3.13 12.31
CA GLU B 69 0.62 2.77 13.73
C GLU B 69 1.52 1.56 13.87
N PHE B 70 2.30 1.51 14.94
CA PHE B 70 3.11 0.33 15.20
C PHE B 70 3.53 0.29 16.66
N THR B 71 4.00 -0.87 17.07
CA THR B 71 4.59 -1.08 18.39
C THR B 71 6.03 -1.56 18.21
N PRO B 72 7.03 -0.78 18.59
CA PRO B 72 8.41 -1.26 18.43
C PRO B 72 8.74 -2.39 19.40
N THR B 73 9.63 -3.27 18.94
CA THR B 73 10.08 -4.41 19.72
C THR B 73 11.57 -4.60 19.47
N GLU B 74 12.17 -5.45 20.29
CA GLU B 74 13.57 -5.83 20.09
C GLU B 74 13.75 -6.60 18.78
N LYS B 75 12.84 -7.54 18.50
CA LYS B 75 13.02 -8.48 17.41
C LYS B 75 12.75 -7.84 16.03
N ASP B 76 11.74 -6.97 15.93
CA ASP B 76 11.29 -6.49 14.63
C ASP B 76 12.17 -5.36 14.09
N GLU B 77 12.43 -5.42 12.79
CA GLU B 77 13.22 -4.41 12.09
C GLU B 77 12.29 -3.61 11.17
N TYR B 78 12.38 -2.27 11.24
CA TYR B 78 11.54 -1.40 10.43
C TYR B 78 12.38 -0.54 9.50
N ALA B 79 11.81 -0.22 8.34
CA ALA B 79 12.53 0.53 7.33
C ALA B 79 11.53 1.22 6.42
N CYS B 80 12.04 2.15 5.61
CA CYS B 80 11.28 2.87 4.60
C CYS B 80 11.95 2.73 3.25
N ARG B 81 11.18 2.40 2.22
CA ARG B 81 11.72 2.22 0.87
C ARG B 81 11.15 3.27 -0.07
N VAL B 82 12.03 3.96 -0.78
CA VAL B 82 11.65 5.10 -1.62
C VAL B 82 12.20 4.88 -3.02
N ASN B 83 11.36 5.02 -4.02
CA ASN B 83 11.78 5.01 -5.42
C ASN B 83 11.29 6.26 -6.11
N HIS B 84 12.14 6.81 -6.98
CA HIS B 84 11.92 8.08 -7.65
C HIS B 84 12.67 8.03 -8.97
N VAL B 85 12.25 8.89 -9.90
CA VAL B 85 12.88 8.91 -11.23
C VAL B 85 14.36 9.22 -11.11
N THR B 86 14.76 9.96 -10.07
CA THR B 86 16.17 10.27 -9.88
C THR B 86 16.99 9.06 -9.42
N LEU B 87 16.35 7.99 -8.97
CA LEU B 87 17.06 6.85 -8.42
C LEU B 87 16.99 5.67 -9.37
N SER B 88 18.15 5.02 -9.58
CA SER B 88 18.21 3.84 -10.44
C SER B 88 17.51 2.67 -9.78
N GLN B 89 17.66 2.54 -8.46
N GLN B 89 17.64 2.55 -8.46
CA GLN B 89 17.06 1.45 -7.70
CA GLN B 89 17.12 1.47 -7.67
C GLN B 89 16.47 2.01 -6.43
C GLN B 89 16.46 2.05 -6.43
N PRO B 90 15.38 1.43 -5.94
CA PRO B 90 14.80 1.88 -4.67
C PRO B 90 15.85 1.90 -3.57
N LYS B 91 15.95 3.05 -2.87
CA LYS B 91 16.83 3.22 -1.71
C LYS B 91 16.04 2.97 -0.43
N ILE B 92 16.58 2.11 0.44
CA ILE B 92 15.93 1.67 1.67
C ILE B 92 16.65 2.33 2.85
N VAL B 93 15.90 3.01 3.71
CA VAL B 93 16.43 3.65 4.90
C VAL B 93 15.84 2.94 6.10
N LYS B 94 16.71 2.39 6.95
CA LYS B 94 16.26 1.65 8.13
C LYS B 94 15.91 2.62 9.24
N TRP B 95 14.95 2.23 10.06
CA TRP B 95 14.59 3.03 11.22
C TRP B 95 15.62 2.83 12.31
N ASP B 96 16.24 3.93 12.75
CA ASP B 96 17.13 3.94 13.89
C ASP B 96 16.46 4.81 14.94
N ARG B 97 16.08 4.20 16.08
CA ARG B 97 15.36 4.94 17.11
C ARG B 97 16.15 6.12 17.66
N ASP B 98 17.48 6.13 17.47
CA ASP B 98 18.33 7.24 17.90
C ASP B 98 18.31 8.39 16.90
N MET B 99 17.45 8.31 15.89
CA MET B 99 17.30 9.37 14.91
C MET B 99 15.85 9.59 14.53
N GLY C 1 -21.49 -33.20 -1.12
CA GLY C 1 -21.27 -34.63 -1.02
C GLY C 1 -19.97 -34.95 -0.31
N SER C 2 -18.86 -34.86 -1.03
CA SER C 2 -17.55 -35.05 -0.44
C SER C 2 -17.07 -33.74 0.19
N HIS C 3 -16.39 -33.83 1.33
CA HIS C 3 -15.90 -32.64 1.99
C HIS C 3 -14.49 -32.92 2.51
N SER C 4 -13.74 -31.85 2.73
CA SER C 4 -12.38 -32.02 3.20
C SER C 4 -11.99 -30.83 4.07
N MET C 5 -10.96 -31.05 4.87
CA MET C 5 -10.34 -30.00 5.64
C MET C 5 -8.85 -30.03 5.34
N ARG C 6 -8.26 -28.85 5.19
CA ARG C 6 -6.83 -28.73 4.92
C ARG C 6 -6.26 -27.55 5.67
N TYR C 7 -5.05 -27.73 6.19
CA TYR C 7 -4.24 -26.66 6.75
C TYR C 7 -3.00 -26.52 5.88
N PHE C 8 -2.59 -25.26 5.65
CA PHE C 8 -1.45 -24.93 4.80
C PHE C 8 -0.51 -24.07 5.62
N TYR C 9 0.74 -24.52 5.78
CA TYR C 9 1.78 -23.76 6.51
C TYR C 9 2.83 -23.28 5.54
N THR C 10 3.26 -22.01 5.69
CA THR C 10 4.43 -21.50 4.99
C THR C 10 5.41 -20.94 6.01
N ALA C 11 6.66 -21.42 5.98
CA ALA C 11 7.72 -20.89 6.83
C ALA C 11 8.83 -20.40 5.94
N MET C 12 9.24 -19.14 6.12
CA MET C 12 10.23 -18.56 5.22
C MET C 12 11.32 -17.87 6.01
N SER C 13 12.57 -18.21 5.73
CA SER C 13 13.64 -17.48 6.38
C SER C 13 13.93 -16.18 5.63
N ARG C 14 14.35 -15.16 6.38
CA ARG C 14 14.66 -13.84 5.84
C ARG C 14 15.98 -13.36 6.42
N PRO C 15 17.09 -14.03 6.12
CA PRO C 15 18.36 -13.70 6.80
C PRO C 15 18.77 -12.26 6.54
N GLY C 16 19.14 -11.56 7.62
CA GLY C 16 19.54 -10.18 7.50
C GLY C 16 18.41 -9.17 7.38
N ARG C 17 17.16 -9.61 7.35
CA ARG C 17 16.03 -8.66 7.35
C ARG C 17 15.10 -8.87 8.52
N GLY C 18 15.18 -10.00 9.20
CA GLY C 18 14.31 -10.28 10.33
C GLY C 18 14.30 -11.77 10.61
N GLU C 19 13.50 -12.14 11.60
CA GLU C 19 13.39 -13.55 11.98
C GLU C 19 12.48 -14.27 10.98
N PRO C 20 12.49 -15.61 10.98
CA PRO C 20 11.69 -16.34 10.00
C PRO C 20 10.19 -16.16 10.21
N ARG C 21 9.47 -16.03 9.12
CA ARG C 21 8.05 -15.79 9.17
C ARG C 21 7.28 -17.08 8.95
N PHE C 22 6.22 -17.28 9.72
CA PHE C 22 5.38 -18.46 9.64
C PHE C 22 3.93 -18.03 9.44
N ILE C 23 3.29 -18.57 8.39
CA ILE C 23 1.90 -18.28 8.08
C ILE C 23 1.14 -19.59 7.98
N ALA C 24 -0.02 -19.65 8.62
CA ALA C 24 -0.86 -20.84 8.59
C ALA C 24 -2.27 -20.42 8.25
N VAL C 25 -2.92 -21.15 7.35
CA VAL C 25 -4.32 -20.92 7.01
C VAL C 25 -5.01 -22.27 7.01
N GLY C 26 -6.27 -22.28 7.40
CA GLY C 26 -7.10 -23.48 7.36
C GLY C 26 -8.31 -23.30 6.47
N TYR C 27 -8.65 -24.36 5.74
CA TYR C 27 -9.76 -24.39 4.79
C TYR C 27 -10.67 -25.57 5.08
N VAL C 28 -11.97 -25.34 4.91
CA VAL C 28 -12.96 -26.40 4.74
C VAL C 28 -13.45 -26.31 3.29
N ASP C 29 -13.22 -27.37 2.52
CA ASP C 29 -13.49 -27.37 1.08
C ASP C 29 -12.78 -26.16 0.49
N ASP C 30 -13.47 -25.25 -0.20
CA ASP C 30 -12.84 -24.06 -0.76
C ASP C 30 -13.05 -22.82 0.10
N THR C 31 -13.42 -22.98 1.37
CA THR C 31 -13.72 -21.87 2.26
C THR C 31 -12.64 -21.78 3.35
N GLN C 32 -11.91 -20.65 3.37
CA GLN C 32 -10.94 -20.44 4.43
C GLN C 32 -11.64 -20.06 5.73
N PHE C 33 -11.19 -20.63 6.85
CA PHE C 33 -11.85 -20.29 8.11
C PHE C 33 -10.93 -19.80 9.22
N VAL C 34 -9.61 -19.95 9.11
CA VAL C 34 -8.67 -19.45 10.11
C VAL C 34 -7.36 -19.02 9.45
N ARG C 35 -6.62 -18.18 10.16
CA ARG C 35 -5.31 -17.75 9.73
C ARG C 35 -4.46 -17.47 10.96
N PHE C 36 -3.15 -17.53 10.78
CA PHE C 36 -2.20 -17.17 11.81
C PHE C 36 -0.99 -16.60 11.09
N ASP C 37 -0.50 -15.46 11.55
CA ASP C 37 0.67 -14.81 10.95
C ASP C 37 1.61 -14.39 12.06
N SER C 38 2.79 -15.04 12.13
CA SER C 38 3.77 -14.71 13.15
C SER C 38 4.27 -13.27 13.06
N ASP C 39 4.06 -12.59 11.93
CA ASP C 39 4.46 -11.20 11.77
C ASP C 39 3.46 -10.21 12.37
N ALA C 40 2.26 -10.64 12.77
CA ALA C 40 1.32 -9.70 13.37
C ALA C 40 1.89 -9.18 14.68
N ALA C 41 1.38 -8.00 15.10
CA ALA C 41 1.81 -7.42 16.37
C ALA C 41 1.52 -8.35 17.53
N SER C 42 0.32 -8.95 17.56
CA SER C 42 -0.08 -9.93 18.57
C SER C 42 -0.47 -11.20 17.83
N PRO C 43 0.49 -12.04 17.47
CA PRO C 43 0.16 -13.19 16.61
C PRO C 43 -0.90 -14.06 17.26
N ARG C 44 -1.99 -14.29 16.53
CA ARG C 44 -3.10 -15.07 17.04
C ARG C 44 -3.76 -15.83 15.90
N THR C 45 -4.29 -17.01 16.24
CA THR C 45 -5.20 -17.67 15.31
C THR C 45 -6.52 -16.89 15.28
N GLU C 46 -6.94 -16.48 14.09
CA GLU C 46 -8.08 -15.58 13.92
C GLU C 46 -9.11 -16.19 12.98
N PRO C 47 -10.39 -15.87 13.18
CA PRO C 47 -11.43 -16.36 12.29
C PRO C 47 -11.44 -15.63 10.96
N ARG C 48 -11.80 -16.37 9.92
CA ARG C 48 -11.89 -15.82 8.57
C ARG C 48 -13.18 -16.23 7.87
N ALA C 49 -14.08 -16.91 8.57
CA ALA C 49 -15.38 -17.26 8.07
C ALA C 49 -16.38 -17.01 9.18
N PRO C 50 -17.61 -16.60 8.84
CA PRO C 50 -18.58 -16.28 9.90
C PRO C 50 -18.89 -17.46 10.82
N TRP C 51 -19.03 -18.67 10.27
CA TRP C 51 -19.53 -19.79 11.05
C TRP C 51 -18.54 -20.28 12.11
N ILE C 52 -17.26 -19.91 12.01
CA ILE C 52 -16.27 -20.32 12.99
C ILE C 52 -16.23 -19.39 14.21
N GLU C 53 -16.80 -18.19 14.11
CA GLU C 53 -16.67 -17.22 15.19
C GLU C 53 -17.38 -17.66 16.48
N GLN C 54 -18.41 -18.49 16.36
CA GLN C 54 -19.13 -18.96 17.54
C GLN C 54 -18.23 -19.77 18.50
N GLU C 55 -17.07 -20.27 18.05
CA GLU C 55 -16.23 -21.08 18.93
C GLU C 55 -15.71 -20.23 20.10
N GLY C 56 -15.65 -20.84 21.29
CA GLY C 56 -15.34 -20.12 22.51
C GLY C 56 -13.85 -19.83 22.67
N PRO C 57 -13.52 -19.13 23.76
CA PRO C 57 -12.12 -18.70 23.96
C PRO C 57 -11.14 -19.84 24.06
N GLU C 58 -11.54 -20.97 24.63
CA GLU C 58 -10.58 -22.06 24.73
C GLU C 58 -10.19 -22.56 23.34
N TYR C 59 -11.09 -22.45 22.37
CA TYR C 59 -10.75 -22.79 20.98
C TYR C 59 -9.64 -21.87 20.48
N TRP C 60 -9.88 -20.55 20.54
CA TRP C 60 -8.91 -19.61 19.97
C TRP C 60 -7.60 -19.61 20.75
N ASP C 61 -7.68 -19.67 22.09
CA ASP C 61 -6.44 -19.70 22.88
C ASP C 61 -5.63 -20.96 22.62
N GLY C 62 -6.29 -22.12 22.55
CA GLY C 62 -5.57 -23.34 22.25
C GLY C 62 -4.98 -23.36 20.84
N GLU C 63 -5.75 -22.89 19.84
CA GLU C 63 -5.21 -22.83 18.47
C GLU C 63 -4.02 -21.90 18.40
N THR C 64 -4.10 -20.76 19.10
CA THR C 64 -3.00 -19.81 19.10
C THR C 64 -1.74 -20.38 19.73
N ARG C 65 -1.87 -21.06 20.87
CA ARG C 65 -0.70 -21.65 21.51
C ARG C 65 -0.06 -22.70 20.61
N ASN C 66 -0.89 -23.50 19.95
CA ASN C 66 -0.38 -24.54 19.07
C ASN C 66 0.37 -23.91 17.90
N MET C 67 -0.23 -22.89 17.27
CA MET C 67 0.39 -22.23 16.12
C MET C 67 1.71 -21.56 16.48
N LYS C 68 1.77 -20.92 17.66
CA LYS C 68 3.03 -20.37 18.14
C LYS C 68 4.08 -21.46 18.30
N ALA C 69 3.69 -22.60 18.84
CA ALA C 69 4.63 -23.72 18.94
C ALA C 69 5.03 -24.20 17.56
N SER C 70 4.08 -24.32 16.64
CA SER C 70 4.41 -24.74 15.29
C SER C 70 5.39 -23.77 14.62
N ALA C 71 5.16 -22.46 14.77
CA ALA C 71 6.08 -21.48 14.17
C ALA C 71 7.50 -21.70 14.66
N GLN C 72 7.67 -21.99 15.94
CA GLN C 72 9.01 -22.24 16.47
C GLN C 72 9.55 -23.57 15.96
N THR C 73 8.69 -24.59 15.85
CA THR C 73 9.12 -25.85 15.24
C THR C 73 9.63 -25.64 13.82
N TYR C 74 8.95 -24.79 13.03
CA TYR C 74 9.41 -24.59 11.64
C TYR C 74 10.63 -23.69 11.55
N ARG C 75 10.81 -22.76 12.50
CA ARG C 75 12.08 -22.06 12.60
C ARG C 75 13.23 -23.04 12.78
N GLU C 76 13.03 -24.04 13.63
CA GLU C 76 14.05 -25.07 13.83
C GLU C 76 14.22 -25.88 12.56
N ASN C 77 13.11 -26.25 11.89
CA ASN C 77 13.19 -27.06 10.69
C ASN C 77 13.96 -26.36 9.57
N LEU C 78 13.83 -25.03 9.47
CA LEU C 78 14.59 -24.31 8.46
C LEU C 78 16.10 -24.43 8.72
N ARG C 79 16.50 -24.34 10.00
CA ARG C 79 17.92 -24.49 10.35
C ARG C 79 18.40 -25.89 10.04
N ILE C 80 17.58 -26.88 10.36
CA ILE C 80 17.93 -28.28 10.11
C ILE C 80 18.09 -28.54 8.61
N ALA C 81 17.20 -27.98 7.79
CA ALA C 81 17.30 -28.18 6.36
C ALA C 81 18.61 -27.60 5.82
N LEU C 82 19.06 -26.47 6.37
CA LEU C 82 20.35 -25.89 5.95
C LEU C 82 21.48 -26.88 6.19
N ARG C 83 21.43 -27.59 7.33
CA ARG C 83 22.40 -28.65 7.60
C ARG C 83 22.33 -29.75 6.55
N TYR C 84 21.12 -30.27 6.31
CA TYR C 84 21.01 -31.43 5.43
C TYR C 84 21.47 -31.10 4.02
N TYR C 85 21.24 -29.88 3.55
CA TYR C 85 21.57 -29.52 2.18
C TYR C 85 22.88 -28.78 2.06
N ASN C 86 23.56 -28.54 3.16
CA ASN C 86 24.82 -27.82 3.16
C ASN C 86 24.65 -26.44 2.53
N GLN C 87 23.66 -25.70 3.01
CA GLN C 87 23.35 -24.38 2.49
C GLN C 87 23.80 -23.31 3.48
N SER C 88 24.15 -22.14 2.97
CA SER C 88 24.64 -21.06 3.83
C SER C 88 23.50 -20.33 4.53
N GLU C 89 23.86 -19.56 5.56
CA GLU C 89 22.90 -18.75 6.28
C GLU C 89 22.44 -17.55 5.48
N ALA C 90 23.02 -17.30 4.31
CA ALA C 90 22.77 -16.06 3.59
C ALA C 90 21.48 -16.13 2.77
N GLY C 91 21.12 -17.31 2.27
CA GLY C 91 19.95 -17.39 1.43
C GLY C 91 18.64 -17.49 2.19
N SER C 92 17.59 -17.09 1.50
CA SER C 92 16.24 -17.22 2.01
C SER C 92 15.66 -18.55 1.51
N HIS C 93 15.00 -19.29 2.41
CA HIS C 93 14.45 -20.59 2.07
C HIS C 93 13.02 -20.71 2.60
N ILE C 94 12.26 -21.63 2.00
CA ILE C 94 10.86 -21.82 2.32
C ILE C 94 10.56 -23.28 2.58
N ILE C 95 9.88 -23.55 3.68
CA ILE C 95 9.26 -24.84 3.97
C ILE C 95 7.75 -24.66 3.86
N GLN C 96 7.08 -25.59 3.21
CA GLN C 96 5.64 -25.60 3.15
C GLN C 96 5.12 -26.95 3.62
N ARG C 97 3.92 -26.94 4.18
CA ARG C 97 3.24 -28.16 4.58
C ARG C 97 1.74 -28.03 4.30
N MET C 98 1.15 -29.10 3.78
CA MET C 98 -0.30 -29.17 3.64
C MET C 98 -0.74 -30.53 4.12
N TYR C 99 -1.79 -30.56 4.92
CA TYR C 99 -2.30 -31.81 5.49
C TYR C 99 -3.77 -31.65 5.75
N GLY C 100 -4.45 -32.78 5.92
CA GLY C 100 -5.87 -32.74 6.23
C GLY C 100 -6.55 -34.05 5.89
N CYS C 101 -7.88 -34.02 5.96
CA CYS C 101 -8.69 -35.23 5.84
C CYS C 101 -9.80 -35.04 4.81
N ASP C 102 -10.10 -36.11 4.08
CA ASP C 102 -11.19 -36.12 3.11
C ASP C 102 -12.30 -37.01 3.65
N LEU C 103 -13.53 -36.51 3.62
CA LEU C 103 -14.70 -37.29 3.99
C LEU C 103 -15.43 -37.74 2.74
N GLY C 104 -15.85 -38.99 2.72
CA GLY C 104 -16.64 -39.45 1.62
C GLY C 104 -18.01 -38.82 1.66
N PRO C 105 -18.84 -39.13 0.65
CA PRO C 105 -20.21 -38.61 0.67
C PRO C 105 -20.95 -39.17 1.87
N ASP C 106 -20.33 -40.12 2.55
CA ASP C 106 -20.82 -40.86 3.69
C ASP C 106 -20.50 -40.19 5.03
N GLY C 107 -19.55 -39.27 5.09
CA GLY C 107 -19.14 -38.67 6.35
C GLY C 107 -18.11 -39.47 7.14
N ARG C 108 -17.49 -40.47 6.53
CA ARG C 108 -16.43 -41.24 7.16
C ARG C 108 -15.11 -40.86 6.52
N LEU C 109 -14.01 -40.99 7.27
CA LEU C 109 -12.71 -40.63 6.72
C LEU C 109 -12.47 -41.45 5.47
N LEU C 110 -12.32 -40.77 4.36
CA LEU C 110 -12.01 -41.45 3.13
C LEU C 110 -10.53 -41.45 2.84
N ARG C 111 -9.82 -40.36 3.15
CA ARG C 111 -8.39 -40.53 3.07
C ARG C 111 -7.74 -39.37 3.82
N GLY C 112 -6.53 -39.60 4.32
CA GLY C 112 -5.73 -38.56 4.94
C GLY C 112 -4.55 -38.15 4.08
N HIS C 113 -4.10 -36.90 4.27
CA HIS C 113 -2.98 -36.34 3.52
C HIS C 113 -2.04 -35.62 4.47
N ASP C 114 -0.74 -35.72 4.21
CA ASP C 114 0.22 -34.85 4.89
C ASP C 114 1.47 -34.77 4.03
N GLN C 115 1.71 -33.60 3.43
CA GLN C 115 2.87 -33.41 2.55
C GLN C 115 3.67 -32.20 2.97
N SER C 116 4.99 -32.30 2.82
CA SER C 116 5.90 -31.21 3.12
C SER C 116 6.78 -30.94 1.90
N ALA C 117 7.22 -29.68 1.78
CA ALA C 117 8.06 -29.25 0.67
C ALA C 117 9.18 -28.35 1.20
N TYR C 118 10.27 -28.31 0.44
CA TYR C 118 11.38 -27.41 0.72
C TYR C 118 11.71 -26.67 -0.56
N ASP C 119 11.74 -25.34 -0.49
CA ASP C 119 11.97 -24.47 -1.64
C ASP C 119 11.11 -24.88 -2.84
N GLY C 120 9.85 -25.21 -2.56
CA GLY C 120 8.88 -25.41 -3.63
C GLY C 120 8.89 -26.77 -4.30
N LYS C 121 9.64 -27.75 -3.79
CA LYS C 121 9.58 -29.09 -4.34
C LYS C 121 9.39 -30.10 -3.21
N ASP C 122 8.75 -31.23 -3.55
CA ASP C 122 8.39 -32.27 -2.60
C ASP C 122 9.58 -32.57 -1.70
N TYR C 123 9.31 -32.69 -0.40
CA TYR C 123 10.32 -33.10 0.56
C TYR C 123 9.94 -34.45 1.17
N ILE C 124 8.88 -34.52 1.95
CA ILE C 124 8.43 -35.82 2.47
C ILE C 124 6.91 -35.81 2.51
N ALA C 125 6.33 -36.99 2.32
CA ALA C 125 4.87 -37.13 2.29
C ALA C 125 4.47 -38.39 3.04
N LEU C 126 3.41 -38.28 3.84
CA LEU C 126 2.79 -39.46 4.43
C LEU C 126 2.03 -40.21 3.33
N ASN C 127 2.21 -41.52 3.28
CA ASN C 127 1.57 -42.35 2.26
C ASN C 127 0.11 -42.59 2.57
N GLU C 128 -0.56 -43.20 1.60
CA GLU C 128 -1.99 -43.46 1.66
C GLU C 128 -2.35 -44.33 2.86
N ASP C 129 -1.47 -45.28 3.23
CA ASP C 129 -1.68 -46.14 4.39
C ASP C 129 -1.66 -45.37 5.73
N LEU C 130 -1.20 -44.11 5.73
CA LEU C 130 -1.09 -43.30 6.96
C LEU C 130 -0.09 -43.92 7.94
N SER C 131 0.81 -44.75 7.45
CA SER C 131 1.77 -45.39 8.34
C SER C 131 3.20 -45.36 7.83
N SER C 132 3.43 -45.05 6.57
CA SER C 132 4.77 -45.03 5.98
C SER C 132 4.91 -43.73 5.20
N TRP C 133 6.16 -43.42 4.85
CA TRP C 133 6.54 -42.14 4.26
C TRP C 133 7.19 -42.32 2.90
N THR C 134 7.06 -41.31 2.07
CA THR C 134 7.81 -41.19 0.83
C THR C 134 8.70 -39.96 0.94
N ALA C 135 10.00 -40.18 0.85
CA ALA C 135 11.02 -39.14 0.89
C ALA C 135 11.44 -38.83 -0.54
N ALA C 136 11.48 -37.53 -0.89
CA ALA C 136 11.82 -37.18 -2.28
C ALA C 136 13.32 -37.23 -2.58
N ASP C 137 14.18 -37.08 -1.56
CA ASP C 137 15.62 -37.05 -1.82
C ASP C 137 16.36 -37.58 -0.59
N THR C 138 17.70 -37.58 -0.65
CA THR C 138 18.47 -38.17 0.44
C THR C 138 18.37 -37.34 1.71
N ALA C 139 18.19 -36.01 1.61
CA ALA C 139 17.99 -35.20 2.80
C ALA C 139 16.69 -35.59 3.51
N ALA C 140 15.62 -35.77 2.73
CA ALA C 140 14.35 -36.20 3.31
C ALA C 140 14.43 -37.60 3.91
N GLN C 141 15.33 -38.44 3.40
CA GLN C 141 15.48 -39.78 3.99
C GLN C 141 16.02 -39.71 5.41
N ILE C 142 16.84 -38.69 5.71
CA ILE C 142 17.25 -38.46 7.09
C ILE C 142 16.04 -38.20 7.97
N THR C 143 15.16 -37.30 7.54
CA THR C 143 13.95 -37.02 8.29
C THR C 143 13.07 -38.26 8.40
N GLN C 144 12.97 -39.02 7.30
CA GLN C 144 12.15 -40.22 7.32
C GLN C 144 12.63 -41.21 8.39
N ARG C 145 13.93 -41.40 8.50
CA ARG C 145 14.44 -42.32 9.53
C ARG C 145 14.13 -41.82 10.92
N LYS C 146 14.27 -40.52 11.17
CA LYS C 146 13.92 -39.96 12.46
C LYS C 146 12.43 -40.13 12.76
N TRP C 147 11.57 -39.93 11.77
CA TRP C 147 10.13 -40.02 12.01
C TRP C 147 9.65 -41.45 12.19
N GLU C 148 10.25 -42.40 11.47
CA GLU C 148 9.96 -43.82 11.71
C GLU C 148 10.36 -44.20 13.14
N ALA C 149 11.58 -43.83 13.55
CA ALA C 149 12.06 -44.18 14.88
C ALA C 149 11.19 -43.59 15.98
N ALA C 150 10.72 -42.37 15.79
CA ALA C 150 9.89 -41.70 16.77
C ALA C 150 8.41 -41.98 16.57
N ARG C 151 8.05 -42.88 15.65
CA ARG C 151 6.66 -43.29 15.44
C ARG C 151 5.76 -42.09 15.16
N VAL C 152 6.24 -41.15 14.34
CA VAL C 152 5.47 -39.94 14.03
C VAL C 152 4.18 -40.28 13.29
N ALA C 153 4.24 -41.21 12.35
CA ALA C 153 3.06 -41.47 11.52
C ALA C 153 1.87 -41.92 12.36
N GLU C 154 2.12 -42.67 13.44
CA GLU C 154 1.02 -43.13 14.29
C GLU C 154 0.29 -41.96 14.94
N GLN C 155 1.04 -40.95 15.38
CA GLN C 155 0.41 -39.76 15.94
C GLN C 155 -0.33 -38.97 14.86
N LEU C 156 0.25 -38.88 13.66
CA LEU C 156 -0.45 -38.20 12.57
C LEU C 156 -1.70 -38.95 12.17
N ARG C 157 -1.63 -40.28 12.10
CA ARG C 157 -2.81 -41.06 11.78
C ARG C 157 -3.92 -40.85 12.82
N ALA C 158 -3.55 -40.85 14.11
CA ALA C 158 -4.56 -40.66 15.14
C ALA C 158 -5.25 -39.30 14.99
N TYR C 159 -4.50 -38.27 14.62
CA TYR C 159 -5.11 -36.97 14.36
C TYR C 159 -6.04 -37.01 13.15
N LEU C 160 -5.59 -37.58 12.04
CA LEU C 160 -6.38 -37.54 10.81
C LEU C 160 -7.66 -38.35 10.96
N GLU C 161 -7.59 -39.53 11.58
CA GLU C 161 -8.78 -40.36 11.79
C GLU C 161 -9.69 -39.82 12.88
N GLY C 162 -9.16 -39.03 13.82
CA GLY C 162 -9.93 -38.60 14.98
C GLY C 162 -10.30 -37.14 14.97
N LEU C 163 -9.46 -36.29 15.58
CA LEU C 163 -9.79 -34.87 15.70
C LEU C 163 -10.05 -34.22 14.35
N CYS C 164 -9.32 -34.62 13.30
CA CYS C 164 -9.53 -33.99 11.99
C CYS C 164 -10.94 -34.24 11.48
N VAL C 165 -11.35 -35.50 11.43
CA VAL C 165 -12.69 -35.86 10.94
C VAL C 165 -13.77 -35.27 11.84
N GLU C 166 -13.50 -35.25 13.15
CA GLU C 166 -14.54 -34.85 14.09
C GLU C 166 -14.75 -33.35 14.06
N TRP C 167 -13.66 -32.57 13.93
CA TRP C 167 -13.81 -31.13 13.83
C TRP C 167 -14.35 -30.71 12.47
N LEU C 168 -13.93 -31.38 11.38
CA LEU C 168 -14.46 -31.04 10.05
C LEU C 168 -15.97 -31.18 10.04
N ARG C 169 -16.45 -32.25 10.68
CA ARG C 169 -17.88 -32.54 10.84
C ARG C 169 -18.61 -31.44 11.62
N ARG C 170 -18.04 -31.01 12.75
CA ARG C 170 -18.61 -29.88 13.46
C ARG C 170 -18.64 -28.64 12.58
N TYR C 171 -17.53 -28.32 11.91
CA TYR C 171 -17.51 -27.16 11.04
C TYR C 171 -18.59 -27.25 9.96
N LEU C 172 -18.74 -28.43 9.35
CA LEU C 172 -19.75 -28.61 8.30
C LEU C 172 -21.14 -28.30 8.83
N GLU C 173 -21.44 -28.70 10.06
CA GLU C 173 -22.76 -28.40 10.63
C GLU C 173 -22.89 -26.93 10.97
N ASN C 174 -21.85 -26.34 11.57
CA ASN C 174 -21.93 -24.92 11.93
C ASN C 174 -22.12 -24.05 10.71
N GLY C 175 -21.51 -24.42 9.58
CA GLY C 175 -21.58 -23.61 8.38
C GLY C 175 -22.43 -24.23 7.29
N LYS C 176 -23.35 -25.10 7.70
CA LYS C 176 -24.13 -25.90 6.76
C LYS C 176 -24.79 -25.05 5.68
N GLU C 177 -25.25 -23.86 6.05
CA GLU C 177 -25.95 -22.98 5.11
C GLU C 177 -25.10 -22.60 3.90
N THR C 178 -23.83 -22.31 4.16
CA THR C 178 -22.92 -21.95 3.08
C THR C 178 -22.04 -23.12 2.60
N LEU C 179 -21.63 -24.01 3.50
CA LEU C 179 -20.69 -25.06 3.14
C LEU C 179 -21.34 -26.24 2.43
N GLN C 180 -22.60 -26.53 2.72
CA GLN C 180 -23.26 -27.68 2.14
C GLN C 180 -24.27 -27.26 1.10
N ARG C 181 -24.19 -26.02 0.66
CA ARG C 181 -24.96 -25.50 -0.46
C ARG C 181 -24.00 -25.33 -1.63
N ALA C 182 -24.35 -25.91 -2.77
CA ALA C 182 -23.64 -25.61 -4.00
C ALA C 182 -24.39 -24.50 -4.71
N ASP C 183 -23.64 -23.47 -5.13
CA ASP C 183 -24.17 -22.38 -5.92
C ASP C 183 -23.84 -22.67 -7.37
N PRO C 184 -24.82 -22.86 -8.24
CA PRO C 184 -24.50 -23.09 -9.65
C PRO C 184 -23.94 -21.83 -10.28
N PRO C 185 -23.14 -21.94 -11.34
CA PRO C 185 -22.64 -20.75 -12.00
C PRO C 185 -23.76 -20.02 -12.72
N LYS C 186 -23.63 -18.69 -12.79
CA LYS C 186 -24.40 -17.88 -13.71
C LYS C 186 -23.57 -17.83 -14.99
N THR C 187 -24.15 -18.20 -16.11
CA THR C 187 -23.39 -18.44 -17.33
C THR C 187 -23.94 -17.58 -18.46
N HIS C 188 -23.05 -17.11 -19.35
CA HIS C 188 -23.43 -16.43 -20.58
C HIS C 188 -22.22 -16.36 -21.51
N VAL C 189 -22.49 -16.09 -22.79
CA VAL C 189 -21.47 -16.00 -23.83
C VAL C 189 -21.37 -14.55 -24.29
N THR C 190 -20.13 -14.06 -24.43
CA THR C 190 -19.90 -12.73 -24.98
C THR C 190 -19.12 -12.85 -26.28
N HIS C 191 -19.22 -11.79 -27.09
CA HIS C 191 -18.70 -11.73 -28.45
C HIS C 191 -17.87 -10.45 -28.56
N HIS C 192 -16.61 -10.57 -28.96
CA HIS C 192 -15.71 -9.43 -29.07
C HIS C 192 -14.98 -9.45 -30.41
N PRO C 193 -15.35 -8.57 -31.36
CA PRO C 193 -14.67 -8.57 -32.66
C PRO C 193 -13.18 -8.27 -32.52
N ILE C 194 -12.37 -9.01 -33.25
CA ILE C 194 -10.93 -8.77 -33.33
C ILE C 194 -10.58 -7.98 -34.58
N SER C 195 -11.25 -8.32 -35.68
CA SER C 195 -11.11 -7.66 -36.97
C SER C 195 -12.47 -7.77 -37.65
N ASP C 196 -12.55 -7.35 -38.90
CA ASP C 196 -13.84 -7.53 -39.58
C ASP C 196 -14.07 -8.99 -39.96
N HIS C 197 -13.07 -9.87 -39.80
CA HIS C 197 -13.18 -11.27 -40.19
C HIS C 197 -13.03 -12.29 -39.06
N GLU C 198 -12.73 -11.88 -37.83
CA GLU C 198 -12.70 -12.84 -36.73
C GLU C 198 -13.09 -12.14 -35.45
N ALA C 199 -13.53 -12.94 -34.49
CA ALA C 199 -13.99 -12.45 -33.20
C ALA C 199 -13.69 -13.49 -32.12
N THR C 200 -13.63 -13.02 -30.89
CA THR C 200 -13.48 -13.89 -29.73
C THR C 200 -14.85 -14.20 -29.16
N LEU C 201 -15.17 -15.49 -29.01
CA LEU C 201 -16.30 -15.95 -28.22
C LEU C 201 -15.79 -16.32 -26.83
N ARG C 202 -16.32 -15.67 -25.79
CA ARG C 202 -15.90 -15.94 -24.42
C ARG C 202 -17.08 -16.48 -23.64
N CYS C 203 -16.90 -17.66 -23.06
CA CYS C 203 -17.93 -18.30 -22.25
C CYS C 203 -17.64 -18.07 -20.78
N TRP C 204 -18.60 -17.47 -20.06
CA TRP C 204 -18.44 -17.02 -18.70
C TRP C 204 -19.17 -17.92 -17.70
N ALA C 205 -18.52 -18.18 -16.57
CA ALA C 205 -19.14 -18.79 -15.40
C ALA C 205 -18.82 -17.92 -14.19
N LEU C 206 -19.85 -17.46 -13.48
CA LEU C 206 -19.67 -16.53 -12.37
C LEU C 206 -20.48 -17.00 -11.17
N GLY C 207 -20.01 -16.61 -9.98
CA GLY C 207 -20.72 -16.84 -8.73
C GLY C 207 -20.95 -18.28 -8.33
N PHE C 208 -20.05 -19.18 -8.71
CA PHE C 208 -20.26 -20.58 -8.38
C PHE C 208 -19.44 -21.00 -7.17
N TYR C 209 -19.96 -21.99 -6.44
CA TYR C 209 -19.28 -22.64 -5.31
C TYR C 209 -19.73 -24.08 -5.27
N PRO C 210 -18.80 -25.04 -5.13
CA PRO C 210 -17.36 -24.86 -4.94
C PRO C 210 -16.62 -24.55 -6.25
N ALA C 211 -15.29 -24.48 -6.18
CA ALA C 211 -14.48 -23.95 -7.28
C ALA C 211 -14.41 -24.89 -8.48
N GLU C 212 -14.50 -26.20 -8.24
CA GLU C 212 -14.37 -27.18 -9.32
C GLU C 212 -15.43 -26.93 -10.39
N ILE C 213 -15.00 -26.93 -11.66
CA ILE C 213 -15.90 -26.65 -12.76
C ILE C 213 -15.21 -27.08 -14.06
N THR C 214 -16.00 -27.34 -15.09
CA THR C 214 -15.49 -27.65 -16.41
C THR C 214 -16.19 -26.74 -17.40
N LEU C 215 -15.43 -25.96 -18.16
CA LEU C 215 -15.91 -25.17 -19.28
C LEU C 215 -15.18 -25.64 -20.52
N THR C 216 -15.92 -25.98 -21.58
CA THR C 216 -15.29 -26.41 -22.82
C THR C 216 -16.06 -25.83 -24.01
N TRP C 217 -15.34 -25.59 -25.10
CA TRP C 217 -15.92 -25.10 -26.34
C TRP C 217 -15.95 -26.22 -27.36
N GLN C 218 -17.08 -26.35 -28.05
CA GLN C 218 -17.25 -27.31 -29.13
C GLN C 218 -17.61 -26.57 -30.42
N ARG C 219 -17.10 -27.08 -31.55
CA ARG C 219 -17.45 -26.62 -32.87
C ARG C 219 -18.08 -27.78 -33.62
N ASP C 220 -19.36 -27.64 -34.00
CA ASP C 220 -20.09 -28.74 -34.64
C ASP C 220 -20.01 -30.00 -33.78
N GLY C 221 -20.07 -29.82 -32.47
CA GLY C 221 -19.97 -30.95 -31.55
C GLY C 221 -18.59 -31.55 -31.38
N GLU C 222 -17.55 -30.92 -31.92
CA GLU C 222 -16.18 -31.42 -31.77
C GLU C 222 -15.41 -30.52 -30.83
N ASP C 223 -14.63 -31.14 -29.95
CA ASP C 223 -13.98 -30.42 -28.88
C ASP C 223 -12.82 -29.58 -29.39
N GLN C 224 -12.66 -28.39 -28.82
CA GLN C 224 -11.68 -27.41 -29.25
C GLN C 224 -10.65 -27.08 -28.18
N THR C 225 -10.19 -28.06 -27.42
CA THR C 225 -9.30 -27.77 -26.29
C THR C 225 -8.00 -27.12 -26.73
N GLN C 226 -7.43 -27.57 -27.85
CA GLN C 226 -6.15 -27.03 -28.29
C GLN C 226 -6.26 -25.55 -28.68
N ASP C 227 -7.43 -25.10 -29.14
CA ASP C 227 -7.65 -23.71 -29.54
C ASP C 227 -8.41 -22.89 -28.50
N THR C 228 -8.64 -23.42 -27.31
CA THR C 228 -9.38 -22.71 -26.27
C THR C 228 -8.42 -22.09 -25.27
N GLU C 229 -8.56 -20.80 -25.03
CA GLU C 229 -7.88 -20.18 -23.90
C GLU C 229 -8.80 -20.33 -22.69
N LEU C 230 -8.29 -21.01 -21.65
CA LEU C 230 -8.98 -21.22 -20.38
C LEU C 230 -8.20 -20.46 -19.32
N VAL C 231 -8.84 -19.56 -18.61
CA VAL C 231 -8.14 -18.95 -17.48
C VAL C 231 -8.31 -19.83 -16.26
N GLU C 232 -7.41 -19.65 -15.31
CA GLU C 232 -7.52 -20.33 -14.03
C GLU C 232 -8.75 -19.84 -13.29
N THR C 233 -9.37 -20.75 -12.57
CA THR C 233 -10.49 -20.40 -11.71
C THR C 233 -10.01 -19.39 -10.68
N ARG C 234 -10.80 -18.35 -10.48
CA ARG C 234 -10.33 -17.23 -9.68
C ARG C 234 -11.38 -16.86 -8.66
N PRO C 235 -10.98 -16.37 -7.48
CA PRO C 235 -11.97 -15.99 -6.47
C PRO C 235 -12.62 -14.65 -6.80
N ALA C 236 -13.93 -14.59 -6.60
CA ALA C 236 -14.63 -13.32 -6.80
C ALA C 236 -14.41 -12.39 -5.61
N GLY C 237 -14.04 -12.94 -4.44
CA GLY C 237 -13.82 -12.18 -3.24
C GLY C 237 -14.96 -12.28 -2.24
N ASP C 238 -16.11 -12.83 -2.64
CA ASP C 238 -17.26 -13.03 -1.76
C ASP C 238 -17.48 -14.51 -1.48
N ARG C 239 -16.42 -15.31 -1.56
CA ARG C 239 -16.45 -16.75 -1.38
C ARG C 239 -17.15 -17.47 -2.54
N THR C 240 -17.30 -16.82 -3.69
CA THR C 240 -17.62 -17.57 -4.90
C THR C 240 -16.45 -17.41 -5.89
N PHE C 241 -16.56 -18.10 -7.02
CA PHE C 241 -15.48 -18.22 -7.97
C PHE C 241 -15.97 -17.86 -9.37
N GLN C 242 -15.01 -17.62 -10.26
CA GLN C 242 -15.26 -17.23 -11.65
C GLN C 242 -14.30 -17.97 -12.57
N LYS C 243 -14.75 -18.22 -13.79
CA LYS C 243 -13.89 -18.80 -14.82
C LYS C 243 -14.45 -18.40 -16.18
N TRP C 244 -13.57 -18.29 -17.17
CA TRP C 244 -14.02 -18.16 -18.55
C TRP C 244 -13.14 -18.95 -19.48
N ALA C 245 -13.71 -19.30 -20.62
CA ALA C 245 -13.03 -19.97 -21.72
C ALA C 245 -13.35 -19.21 -23.00
N ALA C 246 -12.33 -18.98 -23.85
CA ALA C 246 -12.51 -18.25 -25.09
C ALA C 246 -11.90 -19.01 -26.27
N VAL C 247 -12.48 -18.77 -27.45
CA VAL C 247 -12.00 -19.30 -28.72
C VAL C 247 -12.09 -18.17 -29.74
N VAL C 248 -11.16 -18.16 -30.68
CA VAL C 248 -11.16 -17.19 -31.77
C VAL C 248 -11.86 -17.83 -32.96
N VAL C 249 -12.88 -17.15 -33.47
CA VAL C 249 -13.82 -17.74 -34.41
C VAL C 249 -13.83 -16.90 -35.67
N PRO C 250 -13.84 -17.48 -36.87
CA PRO C 250 -14.00 -16.67 -38.09
C PRO C 250 -15.43 -16.12 -38.18
N SER C 251 -15.53 -14.86 -38.57
CA SER C 251 -16.84 -14.22 -38.65
C SER C 251 -17.78 -15.02 -39.53
N GLY C 252 -18.97 -15.27 -39.02
CA GLY C 252 -19.97 -16.06 -39.71
C GLY C 252 -20.15 -17.47 -39.18
N GLU C 253 -19.18 -17.99 -38.43
CA GLU C 253 -19.29 -19.33 -37.89
C GLU C 253 -19.75 -19.37 -36.44
N GLU C 254 -20.07 -18.20 -35.85
CA GLU C 254 -20.32 -18.12 -34.41
C GLU C 254 -21.35 -19.13 -33.91
N GLN C 255 -22.40 -19.38 -34.69
CA GLN C 255 -23.50 -20.21 -34.21
C GLN C 255 -23.21 -21.70 -34.26
N ARG C 256 -22.09 -22.11 -34.85
CA ARG C 256 -21.63 -23.49 -34.78
C ARG C 256 -20.89 -23.80 -33.48
N TYR C 257 -20.64 -22.81 -32.63
CA TYR C 257 -19.84 -23.00 -31.42
C TYR C 257 -20.75 -23.09 -30.21
N THR C 258 -20.53 -24.10 -29.39
CA THR C 258 -21.30 -24.28 -28.17
C THR C 258 -20.37 -24.36 -26.97
N CYS C 259 -20.78 -23.72 -25.89
CA CYS C 259 -20.05 -23.78 -24.64
C CYS C 259 -20.75 -24.75 -23.72
N HIS C 260 -19.99 -25.64 -23.10
CA HIS C 260 -20.52 -26.67 -22.22
C HIS C 260 -19.98 -26.45 -20.81
N VAL C 261 -20.90 -26.32 -19.84
CA VAL C 261 -20.58 -26.02 -18.45
C VAL C 261 -21.05 -27.18 -17.57
N GLN C 262 -20.12 -27.72 -16.78
CA GLN C 262 -20.44 -28.77 -15.83
C GLN C 262 -20.04 -28.26 -14.44
N HIS C 263 -20.98 -28.28 -13.52
CA HIS C 263 -20.76 -27.87 -12.14
C HIS C 263 -21.70 -28.66 -11.25
N GLU C 264 -21.22 -29.09 -10.09
CA GLU C 264 -22.03 -29.92 -9.21
C GLU C 264 -23.33 -29.23 -8.83
N GLY C 265 -23.29 -27.91 -8.72
CA GLY C 265 -24.51 -27.18 -8.40
C GLY C 265 -25.58 -27.19 -9.48
N LEU C 266 -25.27 -27.80 -10.70
CA LEU C 266 -26.16 -27.82 -11.85
C LEU C 266 -26.89 -29.15 -11.94
N PRO C 267 -28.20 -29.10 -12.22
CA PRO C 267 -28.97 -30.34 -12.41
C PRO C 267 -28.43 -31.18 -13.55
N LYS C 268 -27.93 -30.55 -14.60
CA LYS C 268 -27.49 -31.22 -15.80
C LYS C 268 -26.37 -30.38 -16.42
N PRO C 269 -25.49 -30.99 -17.21
CA PRO C 269 -24.58 -30.19 -18.03
C PRO C 269 -25.37 -29.17 -18.85
N LEU C 270 -24.73 -28.05 -19.15
N LEU C 270 -24.76 -28.00 -19.05
CA LEU C 270 -25.38 -26.91 -19.76
CA LEU C 270 -25.41 -26.92 -19.78
C LEU C 270 -24.70 -26.58 -21.09
C LEU C 270 -24.71 -26.72 -21.12
N THR C 271 -25.51 -26.40 -22.14
CA THR C 271 -25.00 -26.09 -23.47
C THR C 271 -25.47 -24.68 -23.83
N LEU C 272 -24.52 -23.81 -24.16
CA LEU C 272 -24.78 -22.41 -24.40
C LEU C 272 -24.24 -21.98 -25.75
N ARG C 273 -24.85 -20.93 -26.28
CA ARG C 273 -24.49 -20.35 -27.55
C ARG C 273 -24.51 -18.85 -27.35
N TRP C 274 -23.81 -18.14 -28.23
CA TRP C 274 -23.92 -16.69 -28.25
C TRP C 274 -25.35 -16.32 -28.68
N GLU C 275 -26.04 -15.56 -27.83
CA GLU C 275 -27.41 -15.10 -28.06
C GLU C 275 -27.36 -13.59 -28.25
N PRO C 276 -27.08 -13.10 -29.45
CA PRO C 276 -26.99 -11.63 -29.64
C PRO C 276 -28.35 -10.95 -29.60
N HIS C 277 -29.45 -11.70 -29.70
CA HIS C 277 -30.80 -11.17 -29.52
C HIS C 277 -30.96 -10.52 -28.14
N ILE D 1 13.65 -23.19 -10.57
CA ILE D 1 13.07 -23.38 -9.24
C ILE D 1 12.22 -22.17 -8.87
N GLN D 2 12.21 -21.17 -9.74
CA GLN D 2 11.46 -19.95 -9.51
C GLN D 2 10.35 -19.92 -10.54
N ARG D 3 9.17 -19.49 -10.12
CA ARG D 3 8.00 -19.56 -10.99
C ARG D 3 7.38 -18.17 -11.03
N THR D 4 7.15 -17.66 -12.25
CA THR D 4 6.68 -16.31 -12.39
C THR D 4 5.16 -16.28 -12.20
N PRO D 5 4.60 -15.20 -11.65
CA PRO D 5 3.16 -15.20 -11.36
C PRO D 5 2.31 -15.02 -12.61
N LYS D 6 1.19 -15.74 -12.64
CA LYS D 6 0.10 -15.40 -13.54
C LYS D 6 -0.71 -14.32 -12.85
N ILE D 7 -1.31 -13.46 -13.65
CA ILE D 7 -2.04 -12.30 -13.14
C ILE D 7 -3.37 -12.22 -13.86
N GLN D 8 -4.44 -12.02 -13.10
CA GLN D 8 -5.77 -11.71 -13.64
C GLN D 8 -6.30 -10.51 -12.88
N VAL D 9 -6.79 -9.50 -13.61
CA VAL D 9 -7.40 -8.33 -12.99
C VAL D 9 -8.83 -8.26 -13.51
N TYR D 10 -9.79 -8.11 -12.59
CA TYR D 10 -11.19 -8.30 -12.95
C TYR D 10 -12.05 -7.72 -11.83
N SER D 11 -13.34 -7.60 -12.11
CA SER D 11 -14.26 -7.05 -11.13
C SER D 11 -15.08 -8.17 -10.50
N ARG D 12 -15.52 -7.94 -9.26
CA ARG D 12 -16.33 -8.95 -8.61
C ARG D 12 -17.64 -9.20 -9.37
N HIS D 13 -18.27 -8.14 -9.88
CA HIS D 13 -19.52 -8.26 -10.61
C HIS D 13 -19.36 -7.66 -11.99
N PRO D 14 -20.19 -8.05 -12.96
CA PRO D 14 -20.13 -7.40 -14.28
C PRO D 14 -20.18 -5.89 -14.14
N ALA D 15 -19.25 -5.21 -14.80
CA ALA D 15 -19.05 -3.81 -14.52
C ALA D 15 -20.20 -2.99 -15.07
N GLU D 16 -20.69 -2.06 -14.25
CA GLU D 16 -21.68 -1.09 -14.69
C GLU D 16 -21.22 0.29 -14.23
N ASN D 17 -21.06 1.22 -15.19
CA ASN D 17 -20.51 2.52 -14.86
C ASN D 17 -21.38 3.20 -13.82
N GLY D 18 -20.75 3.79 -12.82
CA GLY D 18 -21.51 4.41 -11.76
C GLY D 18 -22.02 3.46 -10.70
N LYS D 19 -21.76 2.16 -10.80
CA LYS D 19 -22.28 1.21 -9.83
C LYS D 19 -21.13 0.62 -9.02
N SER D 20 -21.27 0.65 -7.70
CA SER D 20 -20.23 0.14 -6.83
C SER D 20 -19.94 -1.34 -7.08
N ASN D 21 -18.66 -1.69 -7.04
CA ASN D 21 -18.19 -3.00 -7.45
C ASN D 21 -16.87 -3.25 -6.72
N PHE D 22 -16.24 -4.40 -6.95
CA PHE D 22 -14.94 -4.64 -6.35
C PHE D 22 -13.92 -4.94 -7.44
N LEU D 23 -12.76 -4.29 -7.35
CA LEU D 23 -11.69 -4.51 -8.29
C LEU D 23 -10.74 -5.53 -7.68
N ASN D 24 -10.47 -6.62 -8.42
CA ASN D 24 -9.68 -7.75 -7.97
C ASN D 24 -8.42 -7.89 -8.80
N CYS D 25 -7.31 -8.23 -8.15
CA CYS D 25 -6.11 -8.68 -8.82
C CYS D 25 -5.69 -10.01 -8.21
N TYR D 26 -5.76 -11.07 -9.00
CA TYR D 26 -5.48 -12.42 -8.53
C TYR D 26 -4.13 -12.82 -9.11
N VAL D 27 -3.16 -13.10 -8.23
CA VAL D 27 -1.81 -13.51 -8.64
C VAL D 27 -1.59 -14.93 -8.15
N SER D 28 -1.10 -15.80 -9.03
CA SER D 28 -1.05 -17.22 -8.70
C SER D 28 0.13 -17.87 -9.43
N GLY D 29 0.41 -19.11 -9.02
CA GLY D 29 1.41 -19.90 -9.71
C GLY D 29 2.85 -19.44 -9.51
N PHE D 30 3.15 -18.67 -8.47
CA PHE D 30 4.49 -18.09 -8.30
C PHE D 30 5.23 -18.71 -7.11
N HIS D 31 6.55 -18.66 -7.19
CA HIS D 31 7.46 -19.11 -6.15
C HIS D 31 8.81 -18.41 -6.38
N PRO D 32 9.45 -17.88 -5.31
CA PRO D 32 9.06 -17.88 -3.91
C PRO D 32 7.93 -16.88 -3.59
N SER D 33 7.62 -16.76 -2.30
CA SER D 33 6.39 -16.06 -1.90
C SER D 33 6.51 -14.55 -1.88
N ASP D 34 7.71 -13.98 -1.82
CA ASP D 34 7.83 -12.52 -1.82
C ASP D 34 7.28 -11.95 -3.11
N ILE D 35 6.27 -11.10 -2.99
CA ILE D 35 5.64 -10.49 -4.15
C ILE D 35 5.05 -9.16 -3.70
N GLU D 36 5.04 -8.18 -4.60
CA GLU D 36 4.40 -6.90 -4.32
C GLU D 36 3.34 -6.65 -5.38
N VAL D 37 2.12 -6.39 -4.93
CA VAL D 37 0.99 -6.15 -5.80
C VAL D 37 0.39 -4.80 -5.44
N ASP D 38 0.18 -3.96 -6.46
CA ASP D 38 -0.48 -2.68 -6.26
C ASP D 38 -1.63 -2.56 -7.25
N LEU D 39 -2.72 -1.99 -6.79
CA LEU D 39 -3.86 -1.71 -7.66
C LEU D 39 -3.75 -0.25 -8.07
N LEU D 40 -3.92 0.04 -9.36
CA LEU D 40 -3.69 1.38 -9.87
C LEU D 40 -4.95 2.00 -10.46
N LYS D 41 -5.13 3.30 -10.21
CA LYS D 41 -6.16 4.10 -10.86
C LYS D 41 -5.47 5.20 -11.66
N ASN D 42 -5.64 5.19 -12.98
CA ASN D 42 -5.00 6.17 -13.87
C ASN D 42 -3.50 6.25 -13.60
N GLY D 43 -2.88 5.09 -13.37
CA GLY D 43 -1.46 5.01 -13.13
C GLY D 43 -1.00 5.28 -11.72
N GLU D 44 -1.89 5.64 -10.80
CA GLU D 44 -1.47 5.95 -9.44
C GLU D 44 -1.95 4.87 -8.47
N ARG D 45 -1.16 4.65 -7.43
CA ARG D 45 -1.46 3.57 -6.49
C ARG D 45 -2.72 3.89 -5.71
N ILE D 46 -3.61 2.90 -5.60
CA ILE D 46 -4.83 3.04 -4.80
C ILE D 46 -4.48 2.76 -3.35
N GLU D 47 -4.90 3.64 -2.45
CA GLU D 47 -4.32 3.69 -1.11
C GLU D 47 -4.74 2.48 -0.26
N LYS D 48 -6.03 2.22 -0.15
CA LYS D 48 -6.51 1.21 0.79
C LYS D 48 -6.93 -0.05 0.02
N VAL D 49 -5.99 -0.98 -0.07
CA VAL D 49 -6.17 -2.23 -0.77
C VAL D 49 -5.99 -3.35 0.24
N GLU D 50 -6.90 -4.32 0.24
CA GLU D 50 -6.75 -5.47 1.12
C GLU D 50 -6.33 -6.70 0.31
N HIS D 51 -5.75 -7.67 0.99
CA HIS D 51 -5.29 -8.87 0.33
C HIS D 51 -5.57 -10.08 1.22
N SER D 52 -5.69 -11.23 0.57
CA SER D 52 -5.96 -12.49 1.25
C SER D 52 -4.71 -12.97 1.99
N ASP D 53 -4.92 -13.96 2.86
CA ASP D 53 -3.81 -14.60 3.56
C ASP D 53 -3.06 -15.53 2.61
N LEU D 54 -1.74 -15.55 2.74
CA LEU D 54 -0.91 -16.36 1.85
C LEU D 54 -1.26 -17.84 1.92
N SER D 55 -1.55 -18.43 0.75
CA SER D 55 -1.84 -19.85 0.65
C SER D 55 -1.20 -20.37 -0.63
N PHE D 56 -1.32 -21.67 -0.88
CA PHE D 56 -0.67 -22.24 -2.04
C PHE D 56 -1.45 -23.43 -2.56
N SER D 57 -1.17 -23.78 -3.80
CA SER D 57 -1.88 -24.82 -4.52
C SER D 57 -1.18 -26.16 -4.35
N LYS D 58 -1.79 -27.16 -4.98
CA LYS D 58 -1.33 -28.53 -4.83
C LYS D 58 0.08 -28.69 -5.38
N ASP D 59 0.46 -27.87 -6.37
CA ASP D 59 1.83 -27.93 -6.90
C ASP D 59 2.82 -27.06 -6.10
N TRP D 60 2.41 -26.54 -4.94
CA TRP D 60 3.22 -25.76 -3.99
C TRP D 60 3.32 -24.27 -4.39
N SER D 61 2.81 -23.86 -5.55
CA SER D 61 2.94 -22.46 -5.93
C SER D 61 1.88 -21.63 -5.20
N PHE D 62 2.25 -20.39 -4.85
CA PHE D 62 1.44 -19.51 -4.04
C PHE D 62 0.35 -18.79 -4.83
N TYR D 63 -0.66 -18.30 -4.10
CA TYR D 63 -1.66 -17.42 -4.71
C TYR D 63 -2.16 -16.41 -3.68
N LEU D 64 -2.55 -15.24 -4.18
CA LEU D 64 -3.04 -14.13 -3.36
C LEU D 64 -4.07 -13.37 -4.18
N LEU D 65 -5.07 -12.84 -3.47
CA LEU D 65 -6.07 -11.96 -4.06
C LEU D 65 -5.89 -10.59 -3.42
N TYR D 66 -5.70 -9.57 -4.24
CA TYR D 66 -5.73 -8.19 -3.79
C TYR D 66 -7.03 -7.57 -4.28
N TYR D 67 -7.68 -6.77 -3.42
CA TYR D 67 -8.96 -6.21 -3.82
C TYR D 67 -9.20 -4.87 -3.16
N THR D 68 -10.04 -4.07 -3.82
CA THR D 68 -10.49 -2.80 -3.27
C THR D 68 -11.86 -2.49 -3.82
N GLU D 69 -12.62 -1.74 -3.03
CA GLU D 69 -13.90 -1.22 -3.48
C GLU D 69 -13.64 -0.10 -4.49
N PHE D 70 -14.44 -0.05 -5.55
CA PHE D 70 -14.34 1.03 -6.53
C PHE D 70 -15.65 1.14 -7.27
N THR D 71 -15.81 2.27 -7.95
CA THR D 71 -16.94 2.49 -8.84
C THR D 71 -16.42 2.77 -10.24
N PRO D 72 -16.62 1.87 -11.20
CA PRO D 72 -16.08 2.11 -12.54
C PRO D 72 -16.79 3.24 -13.25
N THR D 73 -16.05 3.91 -14.13
CA THR D 73 -16.53 5.03 -14.92
C THR D 73 -15.96 4.87 -16.33
N GLU D 74 -16.50 5.66 -17.26
CA GLU D 74 -15.95 5.68 -18.62
C GLU D 74 -14.52 6.21 -18.64
N LYS D 75 -14.24 7.28 -17.89
CA LYS D 75 -12.95 7.96 -18.01
C LYS D 75 -11.80 7.22 -17.32
N ASP D 76 -12.06 6.56 -16.19
CA ASP D 76 -10.98 6.03 -15.36
C ASP D 76 -10.42 4.71 -15.88
N GLU D 77 -9.10 4.57 -15.85
CA GLU D 77 -8.44 3.32 -16.24
C GLU D 77 -7.79 2.67 -15.02
N TYR D 78 -8.07 1.39 -14.83
CA TYR D 78 -7.59 0.66 -13.66
C TYR D 78 -6.62 -0.41 -14.10
N ALA D 79 -5.69 -0.76 -13.21
CA ALA D 79 -4.68 -1.76 -13.53
C ALA D 79 -4.18 -2.44 -12.26
N CYS D 80 -3.45 -3.53 -12.47
CA CYS D 80 -2.77 -4.23 -11.40
C CYS D 80 -1.29 -4.28 -11.74
N ARG D 81 -0.44 -3.94 -10.78
CA ARG D 81 1.01 -3.93 -10.96
C ARG D 81 1.65 -4.93 -10.00
N VAL D 82 2.49 -5.79 -10.54
CA VAL D 82 3.06 -6.91 -9.80
C VAL D 82 4.57 -6.89 -9.96
N ASN D 83 5.28 -7.01 -8.85
CA ASN D 83 6.71 -7.18 -8.87
C ASN D 83 7.09 -8.46 -8.12
N HIS D 84 8.06 -9.18 -8.69
CA HIS D 84 8.45 -10.50 -8.23
C HIS D 84 9.89 -10.70 -8.70
N VAL D 85 10.61 -11.61 -8.04
CA VAL D 85 12.04 -11.81 -8.37
C VAL D 85 12.21 -12.26 -9.81
N THR D 86 11.23 -12.99 -10.36
CA THR D 86 11.32 -13.44 -11.74
C THR D 86 11.16 -12.32 -12.79
N LEU D 87 10.78 -11.11 -12.42
CA LEU D 87 10.47 -10.06 -13.39
C LEU D 87 11.54 -8.98 -13.46
N SER D 88 11.90 -8.57 -14.69
CA SER D 88 12.87 -7.50 -14.86
C SER D 88 12.28 -6.13 -14.52
N GLN D 89 11.01 -5.93 -14.80
CA GLN D 89 10.30 -4.72 -14.44
C GLN D 89 8.94 -5.12 -13.89
N PRO D 90 8.34 -4.28 -13.06
CA PRO D 90 6.96 -4.54 -12.63
C PRO D 90 6.06 -4.77 -13.82
N LYS D 91 5.24 -5.80 -13.73
CA LYS D 91 4.33 -6.17 -14.80
C LYS D 91 2.97 -5.53 -14.53
N ILE D 92 2.46 -4.83 -15.54
CA ILE D 92 1.22 -4.09 -15.40
C ILE D 92 0.17 -4.78 -16.29
N VAL D 93 -0.94 -5.20 -15.68
CA VAL D 93 -2.05 -5.78 -16.42
C VAL D 93 -3.23 -4.81 -16.27
N LYS D 94 -3.73 -4.30 -17.38
CA LYS D 94 -4.81 -3.33 -17.33
C LYS D 94 -6.13 -4.03 -17.07
N TRP D 95 -7.05 -3.34 -16.39
CA TRP D 95 -8.39 -3.91 -16.22
C TRP D 95 -9.16 -3.71 -17.52
N ASP D 96 -9.65 -4.81 -18.05
CA ASP D 96 -10.50 -4.86 -19.24
C ASP D 96 -11.84 -5.44 -18.81
N ARG D 97 -12.91 -4.66 -19.00
CA ARG D 97 -14.23 -5.09 -18.55
C ARG D 97 -14.61 -6.44 -19.14
N ASP D 98 -14.06 -6.77 -20.30
CA ASP D 98 -14.40 -7.98 -21.03
C ASP D 98 -13.62 -9.21 -20.60
N MET D 99 -12.79 -9.14 -19.55
CA MET D 99 -12.03 -10.33 -19.15
C MET D 99 -11.97 -10.54 -17.62
N GLN E 1 -10.26 30.81 2.07
CA GLN E 1 -10.97 30.72 0.80
C GLN E 1 -10.04 30.98 -0.42
N ALA E 2 -10.09 30.06 -1.38
CA ALA E 2 -9.18 30.12 -2.51
C ALA E 2 -9.56 31.24 -3.47
N SER E 3 -8.55 31.75 -4.17
CA SER E 3 -8.81 32.71 -5.23
C SER E 3 -9.45 32.01 -6.42
N GLN E 4 -10.09 32.79 -7.28
CA GLN E 4 -10.60 32.27 -8.54
C GLN E 4 -9.55 32.57 -9.59
N ASP E 5 -9.23 31.57 -10.41
CA ASP E 5 -8.23 31.81 -11.43
C ASP E 5 -8.83 32.77 -12.45
N VAL E 6 -8.04 33.76 -12.82
CA VAL E 6 -8.62 34.85 -13.57
C VAL E 6 -8.46 34.55 -15.05
N LYS E 7 -7.32 33.96 -15.41
CA LYS E 7 -6.95 34.06 -16.80
C LYS E 7 -6.01 32.90 -17.12
N ASN E 8 -5.82 32.62 -18.41
CA ASN E 8 -4.92 31.54 -18.81
C ASN E 8 -3.48 32.01 -18.99
N TRP E 9 -2.58 31.04 -19.02
CA TRP E 9 -1.18 31.34 -19.35
C TRP E 9 -1.10 31.85 -20.78
N GLN F 1 -9.50 -27.81 13.66
CA GLN F 1 -8.44 -27.72 14.67
C GLN F 1 -7.14 -28.24 14.07
N ALA F 2 -6.07 -27.46 14.19
CA ALA F 2 -4.80 -27.82 13.58
C ALA F 2 -4.15 -28.98 14.32
N SER F 3 -3.33 -29.74 13.61
CA SER F 3 -2.53 -30.77 14.25
C SER F 3 -1.43 -30.13 15.11
N GLN F 4 -0.90 -30.90 16.05
CA GLN F 4 0.19 -30.45 16.92
C GLN F 4 1.47 -31.09 16.40
N ASP F 5 2.53 -30.30 16.20
CA ASP F 5 3.77 -30.90 15.72
C ASP F 5 4.42 -31.71 16.83
N VAL F 6 4.82 -32.94 16.49
CA VAL F 6 5.47 -33.83 17.44
C VAL F 6 6.98 -33.91 17.24
N LYS F 7 7.49 -33.58 16.05
CA LYS F 7 8.91 -33.76 15.77
C LYS F 7 9.43 -32.73 14.78
N ASN F 8 10.75 -32.57 14.80
CA ASN F 8 11.50 -31.74 13.89
C ASN F 8 11.88 -32.58 12.69
N TRP F 9 12.30 -31.89 11.63
CA TRP F 9 12.90 -32.52 10.48
C TRP F 9 14.20 -33.21 10.88
#